data_3UA4
#
_entry.id   3UA4
#
_cell.length_a   100.560
_cell.length_b   129.490
_cell.length_c   149.719
_cell.angle_alpha   90.00
_cell.angle_beta   90.00
_cell.angle_gamma   90.00
#
_symmetry.space_group_name_H-M   'P 21 21 21'
#
loop_
_entity.id
_entity.type
_entity.pdbx_description
1 polymer 'Protein arginine N-methyltransferase 5'
2 non-polymer GLYCEROL
3 water water
#
_entity_poly.entity_id   1
_entity_poly.type   'polypeptide(L)'
_entity_poly.pdbx_seq_one_letter_code
;MASMSNRTYADNLFPQQVAEQHEEQMSSGSSPKSNSPSRSISSVEAANSRIHIGWMATTLDVAENLDRHVATFCTRLGEF
KYNFVVYPIGGVVRAFWTPNGSAENHPPVIDLPDVQLRNDLWESYVVGKISPWIDCDSSDPAFASLSEEHLLKELSYICY
LGLQTMAIELTRISSPRTAAILKKWIWTRNSRFTVWVQLPSAIEKCKDYDAFTIEHVDLWTIWADFRKNCGNFSGVYFQV
ALTISSELPDELTELKLVDRWKAEPLAAFVIESGLFISGRNGEASIPSAHINLLKHLWTTDALRIVLRATTDTFKYNTSI
KSEYSQALRHAVRNVNYRSRPDVGEGSNDSTHYLNVIEYKDVLQAPLQPLSENLDSGVYNTFEQDQIKYDVYGEAVVGAL
KDLGADGRKTVVIYLLGGGRGPIGTKILKSEREYNNTFRQGQESLKVKLYIVEKNPNAIVTLKYMNVRTWKRRVTIIESD
MRSLPGIAKDRGFEQPDIIVSELLGSFGDNELSPECLDGVTGFLKPTTISIPQKYTSYVKPIMSTHIHQTIKAQSIPYLS
RAIPSHGRGEPELDEDEMWIQKYPQGHVRNNMDQIYVVYLSKYIPLAETTKPVFTFEHPNFMNSSNERSDSIEFVMDRNA
DLMGFAGYFDLQLYKTVMLSIEPSTHTPGMVSWFPAVIPLRDQLRVGEGDRISLKIDRKVDNTGVWYEWHVEKKKTNGES
VSTPIQNPNGESYYMRMLEHHHHHH
;
_entity_poly.pdbx_strand_id   A,B
#
# COMPACT_ATOMS: atom_id res chain seq x y z
N ASN A 48 -8.29 -23.00 24.44
CA ASN A 48 -9.14 -23.07 23.24
C ASN A 48 -9.21 -21.72 22.53
N SER A 49 -8.79 -20.67 23.23
CA SER A 49 -8.84 -19.32 22.69
C SER A 49 -8.15 -19.19 21.34
N ARG A 50 -7.16 -20.04 21.10
CA ARG A 50 -6.32 -19.94 19.90
C ARG A 50 -6.76 -20.84 18.75
N ILE A 51 -7.50 -21.90 19.06
CA ILE A 51 -8.01 -22.78 18.00
C ILE A 51 -9.47 -22.50 17.67
N HIS A 52 -9.71 -22.19 16.40
CA HIS A 52 -11.06 -21.98 15.91
C HIS A 52 -11.52 -23.21 15.13
N ILE A 53 -12.65 -23.77 15.52
CA ILE A 53 -13.14 -25.01 14.92
C ILE A 53 -14.49 -24.81 14.25
N GLY A 54 -14.47 -24.67 12.93
CA GLY A 54 -15.69 -24.52 12.17
C GLY A 54 -16.46 -25.82 12.05
N TRP A 55 -17.78 -25.71 12.13
CA TRP A 55 -18.67 -26.82 11.90
C TRP A 55 -19.37 -26.62 10.57
N MET A 56 -19.23 -27.57 9.66
CA MET A 56 -19.82 -27.43 8.33
C MET A 56 -21.26 -27.93 8.33
N ALA A 57 -22.16 -27.09 7.83
CA ALA A 57 -23.54 -27.50 7.62
C ALA A 57 -23.53 -28.75 6.76
N THR A 58 -24.53 -29.59 6.93
CA THR A 58 -24.66 -30.81 6.14
C THR A 58 -26.12 -31.16 5.93
N THR A 59 -26.36 -32.19 5.13
CA THR A 59 -27.70 -32.71 4.95
C THR A 59 -28.10 -33.47 6.22
N LEU A 60 -27.21 -33.47 7.20
CA LEU A 60 -27.42 -34.19 8.45
C LEU A 60 -28.16 -33.37 9.48
N ASP A 61 -27.82 -32.10 9.59
CA ASP A 61 -28.43 -31.26 10.62
C ASP A 61 -29.42 -30.27 10.02
N VAL A 62 -30.08 -30.68 8.94
CA VAL A 62 -31.11 -29.85 8.33
C VAL A 62 -32.38 -29.87 9.17
N ALA A 63 -32.48 -28.93 10.10
CA ALA A 63 -33.67 -28.83 10.95
C ALA A 63 -34.80 -28.13 10.21
N GLU A 64 -35.76 -27.61 10.96
CA GLU A 64 -36.88 -26.88 10.37
C GLU A 64 -36.57 -25.39 10.28
N ASN A 65 -36.86 -24.80 9.13
CA ASN A 65 -36.58 -23.39 8.89
C ASN A 65 -35.19 -22.97 9.35
N LEU A 66 -34.22 -23.85 9.18
CA LEU A 66 -32.85 -23.56 9.60
C LEU A 66 -32.34 -22.28 8.94
N ASP A 67 -32.72 -22.08 7.69
CA ASP A 67 -32.34 -20.87 6.97
C ASP A 67 -32.81 -19.65 7.73
N ARG A 68 -33.97 -19.77 8.37
CA ARG A 68 -34.56 -18.65 9.10
C ARG A 68 -33.89 -18.43 10.45
N HIS A 69 -33.52 -19.51 11.11
CA HIS A 69 -33.01 -19.42 12.47
C HIS A 69 -31.51 -19.74 12.56
N VAL A 70 -30.72 -19.04 11.77
CA VAL A 70 -29.27 -19.25 11.79
C VAL A 70 -28.71 -18.81 13.13
N ALA A 71 -29.32 -17.78 13.70
CA ALA A 71 -28.89 -17.25 14.98
C ALA A 71 -28.83 -18.34 16.05
N THR A 72 -29.99 -18.88 16.39
CA THR A 72 -30.08 -19.94 17.39
C THR A 72 -29.22 -21.14 17.00
N PHE A 73 -28.99 -21.30 15.70
CA PHE A 73 -28.16 -22.39 15.19
C PHE A 73 -26.71 -22.23 15.65
N CYS A 74 -26.10 -21.11 15.29
CA CYS A 74 -24.73 -20.82 15.71
C CYS A 74 -24.66 -20.70 17.22
N THR A 75 -25.81 -20.43 17.84
CA THR A 75 -25.90 -20.38 19.29
C THR A 75 -25.67 -21.76 19.89
N ARG A 76 -26.49 -22.72 19.50
CA ARG A 76 -26.35 -24.08 19.99
C ARG A 76 -24.99 -24.66 19.62
N LEU A 77 -24.71 -24.64 18.33
CA LEU A 77 -23.43 -25.11 17.83
C LEU A 77 -22.31 -24.54 18.71
N GLY A 78 -22.32 -23.22 18.87
CA GLY A 78 -21.36 -22.54 19.72
C GLY A 78 -21.33 -23.14 21.11
N GLU A 79 -22.50 -23.48 21.64
CA GLU A 79 -22.60 -24.13 22.95
C GLU A 79 -21.78 -25.40 22.94
N PHE A 80 -21.76 -26.08 21.80
CA PHE A 80 -20.95 -27.30 21.67
C PHE A 80 -19.47 -26.98 21.45
N LYS A 81 -19.01 -25.94 22.13
CA LYS A 81 -17.63 -25.45 22.07
C LYS A 81 -16.99 -25.41 20.67
N TYR A 82 -17.63 -24.74 19.73
CA TYR A 82 -16.97 -24.31 18.50
C TYR A 82 -17.57 -23.03 17.92
N ASN A 83 -16.71 -22.20 17.35
CA ASN A 83 -17.05 -20.81 17.05
C ASN A 83 -17.82 -20.58 15.76
N PHE A 84 -17.13 -20.72 14.62
CA PHE A 84 -17.67 -20.36 13.32
C PHE A 84 -18.26 -21.55 12.56
N VAL A 85 -19.03 -21.25 11.52
CA VAL A 85 -19.64 -22.30 10.71
C VAL A 85 -19.54 -22.07 9.20
N VAL A 86 -19.39 -23.17 8.47
CA VAL A 86 -19.43 -23.12 7.02
C VAL A 86 -20.84 -23.43 6.56
N TYR A 87 -21.61 -22.39 6.26
CA TYR A 87 -23.01 -22.56 5.90
C TYR A 87 -23.20 -22.38 4.40
N PRO A 88 -24.12 -23.15 3.81
CA PRO A 88 -24.43 -22.96 2.39
C PRO A 88 -25.02 -21.57 2.16
N ILE A 89 -24.28 -20.71 1.47
CA ILE A 89 -24.71 -19.32 1.30
C ILE A 89 -26.12 -19.16 0.76
N GLY A 90 -26.51 -20.02 -0.17
CA GLY A 90 -27.79 -19.88 -0.84
C GLY A 90 -28.98 -20.28 0.01
N GLY A 91 -28.71 -21.04 1.06
CA GLY A 91 -29.77 -21.60 1.88
C GLY A 91 -29.82 -23.10 1.70
N VAL A 92 -30.23 -23.81 2.75
CA VAL A 92 -30.23 -25.27 2.74
C VAL A 92 -31.27 -25.86 1.79
N VAL A 93 -32.41 -25.19 1.67
CA VAL A 93 -33.44 -25.61 0.73
C VAL A 93 -32.95 -25.48 -0.71
N ARG A 94 -31.77 -24.88 -0.87
CA ARG A 94 -31.16 -24.71 -2.18
C ARG A 94 -29.87 -25.53 -2.29
N ALA A 95 -29.00 -25.37 -1.31
CA ALA A 95 -27.73 -26.07 -1.28
C ALA A 95 -27.89 -27.56 -1.55
N PHE A 96 -28.91 -28.15 -0.95
CA PHE A 96 -29.02 -29.60 -0.93
C PHE A 96 -30.09 -30.13 -1.89
N TRP A 97 -30.60 -29.23 -2.73
CA TRP A 97 -31.50 -29.60 -3.83
C TRP A 97 -30.81 -30.60 -4.75
N THR A 98 -31.61 -31.49 -5.34
CA THR A 98 -31.07 -32.49 -6.26
C THR A 98 -31.46 -32.14 -7.69
N PRO A 99 -30.45 -31.97 -8.55
CA PRO A 99 -30.66 -31.48 -9.91
C PRO A 99 -31.07 -32.55 -10.91
N ASN A 100 -31.12 -33.81 -10.49
CA ASN A 100 -31.50 -34.87 -11.41
C ASN A 100 -33.01 -35.00 -11.62
N GLY A 101 -33.63 -33.93 -12.13
CA GLY A 101 -35.05 -33.93 -12.42
C GLY A 101 -35.36 -33.62 -13.87
N SER A 102 -36.65 -33.57 -14.20
CA SER A 102 -37.08 -33.22 -15.55
C SER A 102 -36.75 -31.77 -15.88
N ALA A 103 -37.09 -31.35 -17.10
CA ALA A 103 -36.89 -29.96 -17.51
C ALA A 103 -37.70 -29.01 -16.64
N GLU A 104 -38.61 -29.57 -15.84
CA GLU A 104 -39.49 -28.81 -14.97
C GLU A 104 -38.92 -28.57 -13.57
N ASN A 105 -37.83 -29.26 -13.26
CA ASN A 105 -37.18 -29.12 -11.95
C ASN A 105 -36.12 -28.03 -11.95
N HIS A 106 -36.52 -26.82 -11.51
CA HIS A 106 -35.62 -25.67 -11.46
C HIS A 106 -35.05 -25.50 -10.06
N PRO A 107 -33.94 -24.74 -9.94
CA PRO A 107 -33.30 -24.58 -8.63
C PRO A 107 -34.08 -23.66 -7.72
N PRO A 108 -34.12 -23.99 -6.41
CA PRO A 108 -34.72 -23.14 -5.39
C PRO A 108 -34.02 -21.77 -5.32
N VAL A 109 -34.80 -20.70 -5.41
CA VAL A 109 -34.27 -19.35 -5.26
C VAL A 109 -33.52 -19.22 -3.94
N ILE A 110 -32.56 -18.30 -3.88
CA ILE A 110 -31.80 -18.07 -2.66
C ILE A 110 -32.71 -17.66 -1.51
N ASP A 111 -32.42 -18.19 -0.32
CA ASP A 111 -33.26 -17.91 0.84
C ASP A 111 -32.51 -18.04 2.17
N LEU A 112 -31.45 -17.24 2.32
CA LEU A 112 -30.78 -17.12 3.60
C LEU A 112 -30.76 -15.64 4.02
N PRO A 113 -31.81 -15.21 4.73
CA PRO A 113 -32.01 -13.80 5.10
C PRO A 113 -30.85 -13.25 5.91
N ASP A 114 -30.49 -12.00 5.63
CA ASP A 114 -29.43 -11.29 6.33
C ASP A 114 -29.95 -10.74 7.66
N VAL A 115 -31.03 -9.97 7.56
CA VAL A 115 -31.63 -9.29 8.70
C VAL A 115 -31.66 -10.13 9.99
N GLN A 116 -31.86 -11.43 9.85
CA GLN A 116 -31.94 -12.34 10.99
C GLN A 116 -30.67 -12.38 11.83
N LEU A 117 -29.70 -11.54 11.49
CA LEU A 117 -28.41 -11.55 12.18
C LEU A 117 -27.64 -10.29 11.85
N ARG A 118 -27.26 -9.52 12.87
CA ARG A 118 -26.52 -8.29 12.62
C ARG A 118 -25.22 -8.58 11.87
N ASN A 119 -24.82 -7.64 11.02
CA ASN A 119 -23.75 -7.85 10.06
C ASN A 119 -22.42 -8.36 10.61
N ASP A 120 -21.85 -7.64 11.58
CA ASP A 120 -20.55 -8.03 12.12
C ASP A 120 -20.52 -9.51 12.48
N LEU A 121 -21.68 -10.02 12.90
CA LEU A 121 -21.81 -11.44 13.22
C LEU A 121 -21.65 -12.33 11.99
N TRP A 122 -22.42 -12.04 10.94
CA TRP A 122 -22.22 -12.72 9.68
C TRP A 122 -20.73 -12.76 9.40
N GLU A 123 -20.08 -11.60 9.47
CA GLU A 123 -18.67 -11.50 9.14
C GLU A 123 -17.77 -12.40 9.98
N SER A 124 -18.05 -12.50 11.28
CA SER A 124 -17.22 -13.30 12.15
C SER A 124 -17.42 -14.80 11.94
N TYR A 125 -18.66 -15.24 12.10
CA TYR A 125 -18.98 -16.66 12.17
C TYR A 125 -19.13 -17.35 10.82
N VAL A 126 -20.15 -16.95 10.06
CA VAL A 126 -20.53 -17.65 8.84
C VAL A 126 -19.49 -17.61 7.71
N VAL A 127 -19.12 -18.79 7.20
CA VAL A 127 -18.25 -18.93 6.04
C VAL A 127 -19.05 -19.49 4.88
N GLY A 128 -19.34 -18.65 3.88
CA GLY A 128 -20.23 -19.01 2.79
C GLY A 128 -19.70 -19.99 1.77
N LYS A 129 -20.43 -21.08 1.54
CA LYS A 129 -20.03 -22.09 0.57
C LYS A 129 -21.04 -22.24 -0.56
N ILE A 130 -20.54 -22.49 -1.76
CA ILE A 130 -21.35 -22.64 -2.96
C ILE A 130 -22.12 -23.97 -3.01
N SER A 131 -23.40 -23.89 -3.41
CA SER A 131 -24.24 -25.08 -3.54
C SER A 131 -23.54 -26.23 -4.27
N PRO A 132 -23.51 -27.41 -3.65
CA PRO A 132 -22.72 -28.55 -4.14
C PRO A 132 -23.21 -29.08 -5.48
N TRP A 133 -24.46 -28.80 -5.84
CA TRP A 133 -25.02 -29.30 -7.09
C TRP A 133 -24.56 -28.48 -8.30
N ILE A 134 -23.92 -27.35 -8.04
CA ILE A 134 -23.43 -26.47 -9.09
C ILE A 134 -22.23 -27.09 -9.80
N ASP A 135 -22.24 -27.13 -11.12
CA ASP A 135 -21.18 -27.81 -11.83
C ASP A 135 -20.97 -27.24 -13.23
N CYS A 136 -20.28 -26.10 -13.29
CA CYS A 136 -20.03 -25.41 -14.56
C CYS A 136 -19.30 -26.29 -15.56
N ASP A 137 -18.58 -27.29 -15.06
CA ASP A 137 -17.84 -28.16 -15.96
C ASP A 137 -18.60 -29.47 -16.19
N SER A 138 -19.92 -29.40 -16.07
CA SER A 138 -20.77 -30.54 -16.35
C SER A 138 -20.53 -31.03 -17.76
N SER A 139 -20.81 -32.32 -17.99
CA SER A 139 -20.68 -32.90 -19.32
C SER A 139 -21.90 -32.58 -20.18
N ASP A 140 -22.94 -32.05 -19.53
CA ASP A 140 -24.17 -31.64 -20.20
C ASP A 140 -24.21 -30.12 -20.29
N PRO A 141 -24.05 -29.60 -21.52
CA PRO A 141 -23.94 -28.16 -21.79
C PRO A 141 -24.95 -27.34 -21.01
N ALA A 142 -26.21 -27.73 -21.08
CA ALA A 142 -27.29 -26.98 -20.46
C ALA A 142 -27.07 -26.83 -18.97
N PHE A 143 -26.75 -27.93 -18.30
CA PHE A 143 -26.58 -27.90 -16.85
C PHE A 143 -25.34 -27.07 -16.46
N ALA A 144 -24.32 -27.11 -17.32
CA ALA A 144 -23.11 -26.33 -17.11
C ALA A 144 -23.42 -24.84 -17.16
N SER A 145 -24.16 -24.43 -18.20
CA SER A 145 -24.61 -23.04 -18.33
C SER A 145 -25.44 -22.61 -17.12
N LEU A 146 -26.42 -23.44 -16.79
CA LEU A 146 -27.27 -23.20 -15.64
C LEU A 146 -26.38 -22.91 -14.44
N SER A 147 -25.39 -23.78 -14.25
CA SER A 147 -24.46 -23.69 -13.14
C SER A 147 -23.59 -22.44 -13.15
N GLU A 148 -23.19 -21.98 -14.33
CA GLU A 148 -22.48 -20.70 -14.41
C GLU A 148 -23.39 -19.60 -13.87
N GLU A 149 -24.60 -19.50 -14.46
CA GLU A 149 -25.62 -18.56 -13.99
C GLU A 149 -25.79 -18.57 -12.46
N HIS A 150 -26.07 -19.73 -11.90
CA HIS A 150 -26.30 -19.79 -10.45
C HIS A 150 -25.04 -19.59 -9.59
N LEU A 151 -23.88 -19.96 -10.12
CA LEU A 151 -22.60 -19.70 -9.46
C LEU A 151 -22.42 -18.21 -9.29
N LEU A 152 -22.61 -17.50 -10.40
CA LEU A 152 -22.71 -16.06 -10.40
C LEU A 152 -23.69 -15.54 -9.33
N LYS A 153 -24.93 -16.03 -9.34
CA LYS A 153 -25.91 -15.60 -8.35
C LYS A 153 -25.41 -15.75 -6.90
N GLU A 154 -24.75 -16.86 -6.60
CA GLU A 154 -24.30 -17.11 -5.24
C GLU A 154 -23.09 -16.28 -4.87
N LEU A 155 -22.25 -15.96 -5.86
CA LEU A 155 -21.13 -15.06 -5.64
C LEU A 155 -21.66 -13.68 -5.27
N SER A 156 -22.55 -13.18 -6.12
CA SER A 156 -23.24 -11.91 -5.88
C SER A 156 -23.88 -11.84 -4.51
N TYR A 157 -24.56 -12.91 -4.12
CA TYR A 157 -25.20 -12.92 -2.81
C TYR A 157 -24.18 -12.96 -1.67
N ILE A 158 -23.06 -13.64 -1.88
CA ILE A 158 -22.04 -13.66 -0.84
C ILE A 158 -21.54 -12.26 -0.61
N CYS A 159 -21.36 -11.51 -1.69
CA CYS A 159 -20.96 -10.11 -1.55
C CYS A 159 -22.03 -9.33 -0.81
N TYR A 160 -23.30 -9.54 -1.18
CA TYR A 160 -24.42 -8.87 -0.51
C TYR A 160 -24.48 -9.08 1.01
N LEU A 161 -24.33 -10.33 1.45
CA LEU A 161 -24.32 -10.61 2.89
C LEU A 161 -23.08 -10.04 3.56
N GLY A 162 -22.03 -9.84 2.76
CA GLY A 162 -20.79 -9.31 3.27
C GLY A 162 -20.04 -10.26 4.20
N LEU A 163 -19.69 -11.43 3.67
CA LEU A 163 -18.91 -12.39 4.43
C LEU A 163 -17.42 -12.17 4.21
N GLN A 164 -16.62 -12.58 5.20
CA GLN A 164 -15.18 -12.37 5.15
C GLN A 164 -14.48 -13.55 4.51
N THR A 165 -15.15 -14.69 4.52
CA THR A 165 -14.56 -15.91 4.00
C THR A 165 -15.56 -16.69 3.17
N MET A 166 -15.07 -17.44 2.20
CA MET A 166 -15.92 -18.24 1.33
C MET A 166 -15.31 -19.60 1.00
N ALA A 167 -16.15 -20.62 0.92
CA ALA A 167 -15.70 -21.94 0.49
C ALA A 167 -16.27 -22.30 -0.88
N ILE A 168 -15.45 -22.93 -1.71
CA ILE A 168 -15.87 -23.49 -2.99
C ILE A 168 -15.16 -24.82 -3.19
N GLU A 169 -15.96 -25.88 -3.32
CA GLU A 169 -15.38 -27.23 -3.28
C GLU A 169 -15.28 -27.83 -4.67
N LEU A 170 -14.06 -28.18 -5.07
CA LEU A 170 -13.81 -28.78 -6.37
C LEU A 170 -14.20 -30.26 -6.36
N THR A 171 -14.83 -30.69 -7.45
CA THR A 171 -15.32 -32.06 -7.55
C THR A 171 -14.72 -32.77 -8.76
N ARG A 172 -13.85 -32.06 -9.48
CA ARG A 172 -13.19 -32.62 -10.65
C ARG A 172 -11.68 -32.45 -10.58
N ILE A 173 -10.99 -33.11 -11.51
CA ILE A 173 -9.55 -33.02 -11.62
C ILE A 173 -9.24 -31.80 -12.48
N SER A 174 -10.25 -31.33 -13.21
CA SER A 174 -10.10 -30.14 -14.01
C SER A 174 -11.42 -29.37 -14.03
N SER A 175 -11.37 -28.13 -13.58
CA SER A 175 -12.56 -27.30 -13.54
C SER A 175 -12.40 -25.97 -14.28
N PRO A 176 -12.03 -26.05 -15.58
CA PRO A 176 -11.85 -24.91 -16.49
C PRO A 176 -12.90 -23.82 -16.35
N ARG A 177 -14.16 -24.12 -16.65
CA ARG A 177 -15.19 -23.09 -16.64
C ARG A 177 -15.36 -22.46 -15.26
N THR A 178 -15.47 -23.31 -14.23
CA THR A 178 -15.51 -22.82 -12.86
C THR A 178 -14.37 -21.83 -12.68
N ALA A 179 -13.18 -22.23 -13.13
CA ALA A 179 -11.99 -21.39 -13.04
C ALA A 179 -12.22 -20.03 -13.68
N ALA A 180 -12.64 -20.03 -14.94
CA ALA A 180 -12.88 -18.78 -15.66
C ALA A 180 -13.80 -17.83 -14.89
N ILE A 181 -14.95 -18.36 -14.48
CA ILE A 181 -15.91 -17.57 -13.74
C ILE A 181 -15.31 -16.99 -12.47
N LEU A 182 -14.68 -17.85 -11.69
CA LEU A 182 -14.19 -17.47 -10.37
C LEU A 182 -13.08 -16.45 -10.50
N LYS A 183 -12.28 -16.63 -11.55
CA LYS A 183 -11.11 -15.82 -11.82
C LYS A 183 -11.52 -14.41 -12.14
N LYS A 184 -12.41 -14.26 -13.12
CA LYS A 184 -12.92 -12.92 -13.42
C LYS A 184 -13.60 -12.33 -12.19
N TRP A 185 -14.47 -13.08 -11.53
CA TRP A 185 -15.08 -12.59 -10.30
C TRP A 185 -14.00 -11.93 -9.43
N ILE A 186 -13.20 -12.75 -8.74
CA ILE A 186 -12.19 -12.22 -7.80
C ILE A 186 -11.30 -11.11 -8.35
N TRP A 187 -10.96 -11.18 -9.62
CA TRP A 187 -10.06 -10.17 -10.16
C TRP A 187 -10.73 -8.82 -10.39
N THR A 188 -12.06 -8.82 -10.47
CA THR A 188 -12.80 -7.60 -10.77
C THR A 188 -13.65 -7.08 -9.62
N ARG A 189 -13.41 -7.58 -8.41
CA ARG A 189 -14.10 -7.06 -7.22
C ARG A 189 -13.31 -5.90 -6.67
N ASN A 190 -14.01 -4.88 -6.17
CA ASN A 190 -13.34 -3.72 -5.55
C ASN A 190 -13.03 -3.93 -4.07
N SER A 191 -13.45 -5.07 -3.52
CA SER A 191 -13.12 -5.43 -2.15
C SER A 191 -12.12 -6.57 -2.11
N ARG A 192 -11.67 -6.91 -0.91
CA ARG A 192 -10.88 -8.11 -0.69
C ARG A 192 -11.68 -9.08 0.16
N PHE A 193 -11.58 -10.36 -0.15
CA PHE A 193 -12.13 -11.41 0.70
C PHE A 193 -11.34 -12.70 0.50
N THR A 194 -11.52 -13.65 1.42
CA THR A 194 -10.77 -14.91 1.35
C THR A 194 -11.59 -15.99 0.67
N VAL A 195 -10.90 -17.00 0.15
CA VAL A 195 -11.51 -18.07 -0.61
C VAL A 195 -10.87 -19.41 -0.25
N TRP A 196 -11.65 -20.30 0.32
CA TRP A 196 -11.16 -21.65 0.58
C TRP A 196 -11.60 -22.60 -0.52
N VAL A 197 -10.63 -23.05 -1.30
CA VAL A 197 -10.91 -24.08 -2.28
C VAL A 197 -10.73 -25.44 -1.60
N GLN A 198 -11.84 -26.02 -1.15
CA GLN A 198 -11.80 -27.34 -0.55
C GLN A 198 -11.60 -28.39 -1.63
N LEU A 199 -10.66 -29.30 -1.40
CA LEU A 199 -10.37 -30.37 -2.34
C LEU A 199 -11.10 -31.67 -1.98
N PRO A 200 -11.13 -32.62 -2.91
CA PRO A 200 -11.73 -33.92 -2.66
C PRO A 200 -10.86 -34.77 -1.74
N SER A 201 -11.40 -35.86 -1.21
CA SER A 201 -10.65 -36.76 -0.31
C SER A 201 -9.45 -37.38 -1.01
N ALA A 202 -9.71 -37.89 -2.21
CA ALA A 202 -8.66 -38.43 -3.08
C ALA A 202 -9.11 -38.31 -4.53
N ILE A 203 -8.22 -38.64 -5.46
CA ILE A 203 -8.48 -38.46 -6.88
C ILE A 203 -9.72 -39.22 -7.36
N GLU A 204 -9.90 -40.44 -6.86
CA GLU A 204 -10.98 -41.32 -7.31
C GLU A 204 -12.39 -40.76 -7.13
N LYS A 205 -12.53 -39.77 -6.25
CA LYS A 205 -13.84 -39.15 -6.00
C LYS A 205 -14.20 -38.11 -7.06
N CYS A 206 -13.28 -37.85 -7.98
CA CYS A 206 -13.50 -36.81 -8.96
C CYS A 206 -14.41 -37.26 -10.10
N LYS A 207 -15.44 -36.47 -10.39
CA LYS A 207 -16.40 -36.79 -11.44
C LYS A 207 -15.73 -37.25 -12.73
N ASP A 208 -14.61 -36.62 -13.07
CA ASP A 208 -13.96 -36.84 -14.36
C ASP A 208 -12.78 -37.81 -14.28
N TYR A 209 -12.78 -38.65 -13.26
CA TYR A 209 -11.66 -39.55 -13.00
C TYR A 209 -11.75 -40.86 -13.79
N ASP A 210 -10.79 -41.05 -14.69
CA ASP A 210 -10.63 -42.33 -15.37
C ASP A 210 -9.29 -42.92 -14.91
N ALA A 211 -9.35 -44.09 -14.27
CA ALA A 211 -8.14 -44.71 -13.73
C ALA A 211 -7.20 -45.14 -14.85
N PHE A 212 -7.46 -44.63 -16.05
CA PHE A 212 -6.76 -45.05 -17.24
C PHE A 212 -6.09 -43.85 -17.90
N THR A 213 -6.23 -42.68 -17.27
CA THR A 213 -5.67 -41.44 -17.81
C THR A 213 -5.02 -40.55 -16.75
N ILE A 214 -5.17 -40.91 -15.47
CA ILE A 214 -4.54 -40.17 -14.38
C ILE A 214 -3.04 -40.42 -14.36
N GLU A 215 -2.37 -40.08 -15.45
CA GLU A 215 -0.94 -40.33 -15.59
C GLU A 215 -0.15 -39.88 -14.36
N HIS A 216 0.02 -38.57 -14.20
CA HIS A 216 0.83 -38.03 -13.12
C HIS A 216 0.02 -37.05 -12.27
N VAL A 217 -1.20 -37.42 -11.96
CA VAL A 217 -2.12 -36.53 -11.25
C VAL A 217 -2.25 -36.90 -9.78
N ASP A 218 -2.53 -35.90 -8.96
CA ASP A 218 -2.77 -36.08 -7.53
C ASP A 218 -3.53 -34.87 -7.03
N LEU A 219 -3.90 -34.89 -5.75
CA LEU A 219 -4.65 -33.78 -5.15
C LEU A 219 -3.91 -32.45 -5.32
N TRP A 220 -2.60 -32.46 -5.08
CA TRP A 220 -1.83 -31.24 -5.24
C TRP A 220 -1.91 -30.74 -6.67
N THR A 221 -1.68 -31.61 -7.64
CA THR A 221 -1.74 -31.19 -9.04
C THR A 221 -3.08 -30.51 -9.35
N ILE A 222 -4.17 -31.06 -8.80
CA ILE A 222 -5.47 -30.45 -8.91
C ILE A 222 -5.42 -29.03 -8.39
N TRP A 223 -5.13 -28.88 -7.10
CA TRP A 223 -5.07 -27.55 -6.51
C TRP A 223 -4.20 -26.57 -7.31
N ALA A 224 -2.98 -26.97 -7.63
CA ALA A 224 -2.06 -26.15 -8.38
C ALA A 224 -2.65 -25.72 -9.73
N ASP A 225 -3.39 -26.64 -10.35
CA ASP A 225 -4.00 -26.38 -11.65
C ASP A 225 -5.11 -25.34 -11.55
N PHE A 226 -5.93 -25.47 -10.52
CA PHE A 226 -6.98 -24.48 -10.26
C PHE A 226 -6.36 -23.11 -9.97
N ARG A 227 -5.35 -23.11 -9.12
CA ARG A 227 -4.61 -21.91 -8.75
C ARG A 227 -4.06 -21.18 -9.96
N LYS A 228 -3.36 -21.90 -10.82
CA LYS A 228 -2.97 -21.37 -12.13
C LYS A 228 -4.19 -20.78 -12.82
N ASN A 229 -5.19 -21.62 -13.06
CA ASN A 229 -6.36 -21.19 -13.84
C ASN A 229 -7.12 -19.96 -13.36
N CYS A 230 -7.01 -19.62 -12.08
CA CYS A 230 -7.69 -18.42 -11.60
C CYS A 230 -6.74 -17.22 -11.66
N GLY A 231 -5.53 -17.47 -12.16
CA GLY A 231 -4.58 -16.41 -12.43
C GLY A 231 -3.65 -16.10 -11.28
N ASN A 232 -3.48 -17.08 -10.40
CA ASN A 232 -2.52 -16.95 -9.31
C ASN A 232 -2.70 -15.69 -8.47
N PHE A 233 -3.95 -15.44 -8.10
CA PHE A 233 -4.29 -14.38 -7.17
C PHE A 233 -3.57 -14.62 -5.84
N SER A 234 -3.30 -13.55 -5.10
CA SER A 234 -2.51 -13.64 -3.87
C SER A 234 -3.05 -14.65 -2.87
N GLY A 235 -2.20 -15.60 -2.49
CA GLY A 235 -2.56 -16.63 -1.53
C GLY A 235 -2.96 -16.05 -0.18
N VAL A 236 -2.73 -14.76 0.02
CA VAL A 236 -3.20 -14.09 1.21
C VAL A 236 -4.72 -14.17 1.23
N TYR A 237 -5.31 -14.15 0.03
CA TYR A 237 -6.75 -14.21 -0.13
C TYR A 237 -7.26 -15.46 -0.88
N PHE A 238 -6.43 -16.02 -1.77
CA PHE A 238 -6.80 -17.22 -2.51
C PHE A 238 -6.12 -18.44 -1.90
N GLN A 239 -6.88 -19.21 -1.12
CA GLN A 239 -6.30 -20.28 -0.32
C GLN A 239 -6.92 -21.65 -0.59
N VAL A 240 -6.19 -22.70 -0.20
CA VAL A 240 -6.64 -24.08 -0.42
C VAL A 240 -6.97 -24.77 0.90
N ALA A 241 -8.00 -25.59 0.86
CA ALA A 241 -8.40 -26.36 2.02
C ALA A 241 -8.28 -27.85 1.71
N LEU A 242 -7.55 -28.57 2.55
CA LEU A 242 -7.43 -30.02 2.37
C LEU A 242 -8.61 -30.73 3.01
N THR A 243 -8.94 -31.90 2.48
CA THR A 243 -9.98 -32.74 3.05
C THR A 243 -9.42 -34.10 3.45
N ILE A 244 -9.32 -34.33 4.76
CA ILE A 244 -8.84 -35.61 5.28
C ILE A 244 -10.02 -36.53 5.59
N SER A 245 -9.86 -37.82 5.33
CA SER A 245 -10.89 -38.79 5.70
C SER A 245 -10.30 -39.97 6.45
N SER A 246 -10.96 -41.12 6.32
CA SER A 246 -10.46 -42.35 6.92
C SER A 246 -9.18 -42.78 6.21
N GLU A 247 -9.30 -43.08 4.93
CA GLU A 247 -8.15 -43.54 4.14
C GLU A 247 -7.22 -42.39 3.77
N LEU A 248 -6.02 -42.39 4.35
CA LEU A 248 -5.03 -41.35 4.06
C LEU A 248 -4.24 -41.68 2.80
N PRO A 249 -4.35 -40.80 1.79
CA PRO A 249 -3.60 -40.96 0.54
C PRO A 249 -2.10 -40.98 0.83
N ASP A 250 -1.32 -41.62 -0.04
CA ASP A 250 0.12 -41.70 0.17
C ASP A 250 0.77 -40.31 0.14
N GLU A 251 0.32 -39.46 -0.78
CA GLU A 251 0.89 -38.14 -0.93
C GLU A 251 0.64 -37.25 0.29
N LEU A 252 -0.13 -37.76 1.25
CA LEU A 252 -0.38 -37.03 2.47
C LEU A 252 0.44 -37.56 3.64
N THR A 253 1.13 -38.68 3.42
CA THR A 253 1.93 -39.30 4.47
C THR A 253 3.41 -39.32 4.10
N GLU A 254 3.68 -39.66 2.83
CA GLU A 254 5.05 -39.62 2.32
C GLU A 254 5.62 -38.22 2.38
N LEU A 255 6.47 -37.97 3.38
CA LEU A 255 6.99 -36.64 3.67
C LEU A 255 7.23 -35.74 2.45
N LYS A 256 8.01 -36.23 1.49
CA LYS A 256 8.36 -35.48 0.29
C LYS A 256 7.15 -34.85 -0.43
N LEU A 257 5.96 -35.24 0.00
CA LEU A 257 4.75 -34.75 -0.65
C LEU A 257 3.93 -33.84 0.26
N VAL A 258 3.84 -34.18 1.54
CA VAL A 258 3.17 -33.31 2.48
C VAL A 258 3.95 -32.01 2.61
N ASP A 259 5.21 -32.04 2.15
CA ASP A 259 6.07 -30.86 2.17
C ASP A 259 5.55 -29.76 1.25
N ARG A 260 4.98 -30.15 0.11
CA ARG A 260 4.45 -29.19 -0.85
C ARG A 260 3.43 -28.25 -0.21
N TRP A 261 2.55 -28.80 0.61
CA TRP A 261 1.46 -28.01 1.20
C TRP A 261 1.95 -26.91 2.13
N LYS A 262 3.27 -26.86 2.32
CA LYS A 262 3.87 -25.80 3.12
C LYS A 262 4.18 -24.62 2.22
N ALA A 263 4.45 -24.92 0.96
CA ALA A 263 4.69 -23.90 -0.06
C ALA A 263 3.41 -23.56 -0.82
N GLU A 264 2.27 -23.69 -0.15
CA GLU A 264 0.98 -23.39 -0.72
C GLU A 264 0.10 -22.69 0.31
N PRO A 265 -0.80 -21.82 -0.14
CA PRO A 265 -1.72 -21.07 0.72
C PRO A 265 -2.74 -21.95 1.45
N LEU A 266 -2.26 -22.86 2.31
CA LEU A 266 -3.16 -23.70 3.08
C LEU A 266 -3.92 -22.90 4.14
N ALA A 267 -5.25 -22.95 4.07
CA ALA A 267 -6.10 -22.18 4.98
C ALA A 267 -6.86 -23.05 5.95
N ALA A 268 -7.21 -24.26 5.52
CA ALA A 268 -8.06 -25.12 6.33
C ALA A 268 -7.86 -26.61 6.10
N PHE A 269 -8.10 -27.39 7.15
CA PHE A 269 -8.26 -28.83 7.02
C PHE A 269 -9.75 -29.14 7.19
N VAL A 270 -10.33 -29.83 6.23
CA VAL A 270 -11.72 -30.26 6.34
C VAL A 270 -11.75 -31.73 6.73
N ILE A 271 -12.18 -31.99 7.97
CA ILE A 271 -12.07 -33.31 8.58
C ILE A 271 -13.40 -34.03 8.71
N GLU A 272 -13.46 -35.24 8.14
CA GLU A 272 -14.66 -36.06 8.20
C GLU A 272 -14.81 -36.77 9.54
N SER A 273 -16.06 -37.02 9.94
CA SER A 273 -16.33 -37.80 11.14
C SER A 273 -15.99 -39.27 10.93
N GLY A 274 -15.23 -39.56 9.88
CA GLY A 274 -14.68 -40.88 9.66
C GLY A 274 -13.63 -41.17 10.71
N LEU A 275 -14.08 -41.53 11.90
CA LEU A 275 -13.18 -41.92 12.99
C LEU A 275 -13.86 -42.66 14.15
N PHE A 276 -13.05 -43.37 14.93
CA PHE A 276 -13.55 -44.34 15.91
C PHE A 276 -13.73 -43.75 17.31
N ILE A 277 -13.92 -44.65 18.27
CA ILE A 277 -14.15 -44.28 19.67
C ILE A 277 -13.27 -45.14 20.58
N SER A 278 -11.96 -45.12 20.34
CA SER A 278 -11.04 -45.99 21.05
C SER A 278 -10.41 -45.34 22.28
N GLY A 279 -10.38 -46.08 23.38
CA GLY A 279 -9.71 -45.63 24.60
C GLY A 279 -10.65 -45.01 25.62
N ARG A 280 -10.39 -45.33 26.89
CA ARG A 280 -11.17 -44.76 28.00
C ARG A 280 -12.66 -45.05 27.85
N ASN A 281 -13.47 -44.00 28.03
CA ASN A 281 -14.92 -44.10 27.90
C ASN A 281 -15.34 -44.06 26.43
N GLY A 282 -14.66 -44.83 25.60
CA GLY A 282 -14.88 -44.77 24.17
C GLY A 282 -14.57 -43.37 23.68
N GLU A 283 -13.40 -42.86 24.06
CA GLU A 283 -12.96 -41.53 23.64
C GLU A 283 -12.83 -41.44 22.12
N ALA A 284 -13.71 -40.67 21.50
CA ALA A 284 -13.62 -40.43 20.06
C ALA A 284 -12.30 -39.74 19.75
N SER A 285 -11.47 -40.38 18.96
CA SER A 285 -10.14 -39.83 18.66
C SER A 285 -9.71 -40.01 17.20
N ILE A 286 -8.39 -40.03 16.99
CA ILE A 286 -7.80 -39.87 15.67
C ILE A 286 -6.46 -40.61 15.54
N PRO A 287 -6.34 -41.47 14.54
CA PRO A 287 -5.17 -42.28 14.16
C PRO A 287 -3.84 -41.57 14.30
N SER A 288 -2.75 -42.33 14.33
CA SER A 288 -1.41 -41.77 14.49
C SER A 288 -0.89 -41.09 13.22
N ALA A 289 -1.34 -41.58 12.06
CA ALA A 289 -0.96 -40.98 10.78
C ALA A 289 -1.77 -39.70 10.57
N HIS A 290 -3.05 -39.75 10.91
CA HIS A 290 -3.90 -38.55 10.92
C HIS A 290 -3.24 -37.48 11.78
N ILE A 291 -3.04 -37.82 13.05
CA ILE A 291 -2.40 -36.91 13.99
C ILE A 291 -1.10 -36.38 13.41
N ASN A 292 -0.18 -37.28 13.10
CA ASN A 292 1.11 -36.88 12.57
C ASN A 292 0.98 -35.92 11.40
N LEU A 293 -0.11 -36.05 10.65
CA LEU A 293 -0.37 -35.17 9.52
C LEU A 293 -0.81 -33.78 9.98
N LEU A 294 -1.98 -33.69 10.60
CA LEU A 294 -2.47 -32.42 11.11
C LEU A 294 -1.35 -31.68 11.84
N LYS A 295 -0.76 -32.37 12.82
CA LYS A 295 0.39 -31.86 13.55
C LYS A 295 1.46 -31.35 12.59
N HIS A 296 1.79 -32.17 11.59
CA HIS A 296 2.84 -31.84 10.63
C HIS A 296 2.60 -30.50 9.95
N LEU A 297 1.36 -30.27 9.50
CA LEU A 297 1.07 -29.09 8.68
C LEU A 297 0.45 -27.90 9.42
N TRP A 298 0.32 -28.01 10.73
CA TRP A 298 -0.24 -26.92 11.53
C TRP A 298 0.84 -25.89 11.85
N THR A 299 0.98 -24.90 10.96
CA THR A 299 2.06 -23.92 11.04
C THR A 299 1.69 -22.66 11.82
N THR A 300 0.41 -22.27 11.77
CA THR A 300 -0.07 -21.12 12.53
C THR A 300 -1.49 -21.36 13.00
N ASP A 301 -1.93 -20.59 13.99
CA ASP A 301 -3.27 -20.75 14.57
C ASP A 301 -4.32 -19.96 13.82
N ALA A 302 -3.98 -19.56 12.60
CA ALA A 302 -4.96 -18.93 11.73
C ALA A 302 -5.48 -19.99 10.79
N LEU A 303 -4.88 -21.18 10.87
CA LEU A 303 -5.33 -22.30 10.03
C LEU A 303 -6.55 -22.96 10.63
N ARG A 304 -7.72 -22.44 10.30
CA ARG A 304 -8.97 -23.00 10.82
C ARG A 304 -9.16 -24.46 10.45
N ILE A 305 -10.01 -25.14 11.22
CA ILE A 305 -10.31 -26.55 11.01
C ILE A 305 -11.82 -26.78 11.03
N VAL A 306 -12.36 -27.30 9.94
CA VAL A 306 -13.78 -27.59 9.86
C VAL A 306 -14.05 -29.08 10.00
N LEU A 307 -14.95 -29.45 10.91
CA LEU A 307 -15.36 -30.84 11.03
C LEU A 307 -16.54 -31.11 10.12
N ARG A 308 -16.54 -32.28 9.49
CA ARG A 308 -17.52 -32.62 8.47
C ARG A 308 -18.29 -33.90 8.80
N ALA A 309 -19.59 -33.75 9.00
CA ALA A 309 -20.46 -34.87 9.33
C ALA A 309 -20.72 -35.79 8.14
N THR A 310 -20.07 -36.95 8.14
CA THR A 310 -20.30 -37.96 7.11
C THR A 310 -21.24 -39.05 7.63
N THR A 311 -21.06 -39.40 8.89
CA THR A 311 -21.78 -40.50 9.52
C THR A 311 -23.20 -40.09 9.92
N ASP A 312 -24.18 -40.93 9.58
CA ASP A 312 -25.56 -40.68 10.00
C ASP A 312 -25.71 -40.87 11.51
N THR A 313 -24.72 -40.41 12.26
CA THR A 313 -24.79 -40.37 13.73
C THR A 313 -25.52 -39.12 14.20
N PHE A 314 -26.64 -39.30 14.88
CA PHE A 314 -27.26 -38.19 15.57
C PHE A 314 -26.37 -37.92 16.78
N LYS A 315 -25.15 -38.49 16.71
CA LYS A 315 -24.13 -38.36 17.74
C LYS A 315 -24.48 -39.09 19.04
N TYR A 316 -24.15 -38.46 20.17
CA TYR A 316 -24.58 -38.95 21.46
C TYR A 316 -25.90 -38.27 21.77
N ASN A 317 -26.77 -38.19 20.76
CA ASN A 317 -27.95 -37.34 20.81
C ASN A 317 -27.52 -35.88 20.82
N THR A 318 -26.52 -35.58 20.00
CA THR A 318 -26.01 -34.22 19.83
C THR A 318 -25.16 -33.79 21.02
N SER A 319 -24.15 -34.59 21.35
CA SER A 319 -23.24 -34.24 22.43
C SER A 319 -21.77 -34.47 22.08
N ILE A 320 -21.50 -35.47 21.24
CA ILE A 320 -20.13 -35.77 20.84
C ILE A 320 -19.50 -34.64 20.02
N LYS A 321 -20.32 -33.70 19.56
CA LYS A 321 -19.82 -32.56 18.80
C LYS A 321 -18.63 -31.93 19.51
N SER A 322 -18.83 -31.59 20.78
CA SER A 322 -17.80 -30.99 21.62
C SER A 322 -16.62 -31.93 21.82
N GLU A 323 -16.90 -33.22 21.78
CA GLU A 323 -15.87 -34.24 21.92
C GLU A 323 -14.92 -34.20 20.73
N TYR A 324 -15.46 -34.10 19.52
CA TYR A 324 -14.64 -33.88 18.33
C TYR A 324 -13.91 -32.55 18.45
N SER A 325 -14.64 -31.50 18.83
CA SER A 325 -14.00 -30.23 19.14
C SER A 325 -12.67 -30.46 19.86
N GLN A 326 -12.75 -30.99 21.08
CA GLN A 326 -11.58 -31.16 21.93
C GLN A 326 -10.52 -32.06 21.28
N ALA A 327 -10.95 -33.22 20.82
CA ALA A 327 -10.09 -34.15 20.10
C ALA A 327 -9.19 -33.38 19.15
N LEU A 328 -9.82 -32.59 18.29
CA LEU A 328 -9.11 -31.81 17.29
C LEU A 328 -8.21 -30.76 17.92
N ARG A 329 -8.74 -30.02 18.89
CA ARG A 329 -7.98 -28.95 19.52
C ARG A 329 -6.64 -29.42 20.10
N HIS A 330 -6.65 -30.49 20.87
CA HIS A 330 -5.39 -30.92 21.50
C HIS A 330 -4.55 -31.87 20.65
N ALA A 331 -4.64 -31.75 19.34
CA ALA A 331 -3.82 -32.55 18.44
C ALA A 331 -2.67 -31.75 17.84
N VAL A 332 -2.77 -30.42 17.88
CA VAL A 332 -1.77 -29.54 17.29
C VAL A 332 -1.33 -28.40 18.20
N ARG A 333 -1.80 -28.39 19.44
CA ARG A 333 -1.43 -27.34 20.39
C ARG A 333 -0.02 -27.54 20.91
N GLN A 384 -28.23 2.71 9.81
CA GLN A 384 -27.79 3.21 11.11
C GLN A 384 -28.01 4.71 11.25
N ASP A 385 -28.09 5.42 10.12
CA ASP A 385 -28.45 6.82 10.16
C ASP A 385 -29.97 6.95 10.25
N GLN A 386 -30.46 7.09 11.47
CA GLN A 386 -31.89 7.10 11.74
C GLN A 386 -32.54 8.46 11.47
N ILE A 387 -31.77 9.53 11.66
CA ILE A 387 -32.31 10.88 11.48
C ILE A 387 -32.96 11.05 10.11
N LYS A 388 -32.22 10.69 9.08
CA LYS A 388 -32.73 10.71 7.70
C LYS A 388 -34.09 10.00 7.62
N TYR A 389 -34.17 8.81 8.20
CA TYR A 389 -35.38 8.03 8.19
C TYR A 389 -36.54 8.72 8.90
N ASP A 390 -36.30 9.24 10.09
CA ASP A 390 -37.30 10.00 10.83
C ASP A 390 -37.84 11.13 9.97
N VAL A 391 -36.94 11.96 9.44
CA VAL A 391 -37.31 13.04 8.56
C VAL A 391 -38.27 12.51 7.49
N TYR A 392 -37.88 11.42 6.84
CA TYR A 392 -38.76 10.81 5.84
C TYR A 392 -40.15 10.56 6.43
N GLY A 393 -40.19 10.00 7.64
CA GLY A 393 -41.44 9.75 8.33
C GLY A 393 -42.31 10.98 8.43
N GLU A 394 -41.74 12.06 8.96
CA GLU A 394 -42.46 13.32 9.07
C GLU A 394 -43.04 13.73 7.72
N ALA A 395 -42.18 13.67 6.70
CA ALA A 395 -42.61 13.96 5.34
C ALA A 395 -43.89 13.18 5.01
N VAL A 396 -43.81 11.87 5.21
CA VAL A 396 -44.94 11.00 4.91
C VAL A 396 -46.17 11.50 5.63
N VAL A 397 -46.11 11.59 6.95
CA VAL A 397 -47.29 11.99 7.73
C VAL A 397 -47.91 13.27 7.17
N GLY A 398 -47.07 14.27 6.87
CA GLY A 398 -47.58 15.48 6.25
C GLY A 398 -48.33 15.21 4.96
N ALA A 399 -47.72 14.39 4.10
CA ALA A 399 -48.35 13.98 2.85
C ALA A 399 -49.72 13.33 3.07
N LEU A 400 -49.79 12.47 4.09
CA LEU A 400 -51.05 11.83 4.45
C LEU A 400 -52.01 12.85 5.06
N LYS A 401 -51.48 13.99 5.49
CA LYS A 401 -52.33 15.03 6.07
C LYS A 401 -52.94 15.91 4.98
N ASP A 402 -52.21 16.13 3.89
CA ASP A 402 -52.76 16.96 2.81
C ASP A 402 -53.89 16.24 2.06
N LEU A 403 -53.83 14.92 2.00
CA LEU A 403 -54.87 14.14 1.32
C LEU A 403 -55.92 13.62 2.30
N GLY A 404 -55.45 13.18 3.47
CA GLY A 404 -56.31 12.62 4.50
C GLY A 404 -57.43 13.56 4.88
N ALA A 405 -57.16 14.87 4.82
CA ALA A 405 -58.15 15.88 5.18
C ALA A 405 -59.43 15.77 4.37
N ASP A 406 -59.27 15.47 3.09
CA ASP A 406 -60.38 15.20 2.17
C ASP A 406 -61.27 14.08 2.70
N GLY A 407 -60.82 13.42 3.76
CA GLY A 407 -61.56 12.33 4.35
C GLY A 407 -61.39 11.04 3.57
N ARG A 408 -60.16 10.78 3.15
CA ARG A 408 -59.87 9.59 2.36
C ARG A 408 -60.02 8.33 3.20
N LYS A 409 -59.91 7.18 2.55
CA LYS A 409 -60.06 5.89 3.20
C LYS A 409 -58.82 5.04 3.00
N THR A 410 -58.48 4.81 1.73
CA THR A 410 -57.31 3.99 1.39
C THR A 410 -56.47 4.73 0.35
N VAL A 411 -55.15 4.61 0.44
CA VAL A 411 -54.23 5.34 -0.44
C VAL A 411 -53.02 4.52 -0.90
N VAL A 412 -52.66 4.67 -2.16
CA VAL A 412 -51.61 3.85 -2.77
C VAL A 412 -50.22 4.49 -2.70
N ILE A 413 -49.35 3.92 -1.87
CA ILE A 413 -47.97 4.41 -1.76
C ILE A 413 -46.95 3.44 -2.39
N TYR A 414 -46.02 4.00 -3.15
CA TYR A 414 -44.98 3.21 -3.80
C TYR A 414 -43.60 3.62 -3.30
N LEU A 415 -42.85 2.65 -2.78
CA LEU A 415 -41.47 2.90 -2.38
C LEU A 415 -40.54 2.45 -3.51
N LEU A 416 -39.81 3.41 -4.09
CA LEU A 416 -38.98 3.14 -5.26
C LEU A 416 -37.52 2.89 -4.89
N GLY A 417 -37.14 1.62 -4.87
CA GLY A 417 -35.82 1.21 -4.43
C GLY A 417 -35.86 1.06 -2.93
N GLY A 418 -36.37 -0.08 -2.47
CA GLY A 418 -36.64 -0.28 -1.07
C GLY A 418 -35.40 -0.59 -0.25
N GLY A 419 -34.38 -1.13 -0.89
CA GLY A 419 -33.18 -1.55 -0.18
C GLY A 419 -33.50 -2.71 0.74
N ARG A 420 -33.17 -2.56 2.01
CA ARG A 420 -33.57 -3.51 3.04
C ARG A 420 -34.84 -2.98 3.75
N GLY A 421 -35.17 -1.74 3.44
CA GLY A 421 -36.46 -1.17 3.81
C GLY A 421 -36.66 -0.72 5.24
N PRO A 422 -35.87 0.24 5.70
CA PRO A 422 -36.25 0.97 6.93
C PRO A 422 -37.28 2.04 6.58
N ILE A 423 -37.41 2.31 5.29
CA ILE A 423 -38.40 3.27 4.78
C ILE A 423 -39.77 2.63 4.61
N GLY A 424 -39.81 1.31 4.50
CA GLY A 424 -41.07 0.59 4.46
C GLY A 424 -41.66 0.56 5.86
N THR A 425 -40.89 -0.02 6.78
CA THR A 425 -41.22 0.03 8.19
C THR A 425 -41.60 1.46 8.58
N LYS A 426 -40.79 2.41 8.14
CA LYS A 426 -41.03 3.81 8.48
C LYS A 426 -42.35 4.34 7.92
N ILE A 427 -42.62 4.07 6.65
CA ILE A 427 -43.89 4.49 6.05
C ILE A 427 -45.07 3.95 6.85
N LEU A 428 -45.06 2.64 7.09
CA LEU A 428 -46.13 2.03 7.89
C LEU A 428 -46.30 2.75 9.22
N LYS A 429 -45.20 2.91 9.94
CA LYS A 429 -45.24 3.60 11.23
C LYS A 429 -45.83 5.01 11.08
N SER A 430 -45.64 5.60 9.90
CA SER A 430 -46.16 6.94 9.63
C SER A 430 -47.66 6.91 9.43
N GLU A 431 -48.17 5.84 8.81
CA GLU A 431 -49.61 5.67 8.70
C GLU A 431 -50.20 5.50 10.10
N ARG A 432 -49.53 4.71 10.93
CA ARG A 432 -50.01 4.48 12.30
C ARG A 432 -50.07 5.76 13.12
N GLU A 433 -48.97 6.52 13.15
CA GLU A 433 -48.96 7.79 13.87
C GLU A 433 -50.02 8.73 13.31
N TYR A 434 -50.07 8.82 11.98
CA TYR A 434 -51.07 9.65 11.31
C TYR A 434 -52.48 9.37 11.82
N ASN A 435 -52.90 8.10 11.77
CA ASN A 435 -54.21 7.72 12.26
C ASN A 435 -54.38 7.98 13.74
N ASN A 436 -53.30 7.76 14.49
CA ASN A 436 -53.33 7.97 15.94
C ASN A 436 -53.52 9.43 16.36
N THR A 437 -53.20 10.38 15.49
CA THR A 437 -53.37 11.79 15.83
C THR A 437 -54.41 12.58 15.00
N PHE A 438 -54.81 12.03 13.86
CA PHE A 438 -55.71 12.76 12.97
C PHE A 438 -57.13 12.19 12.91
N ARG A 439 -57.23 10.86 12.95
CA ARG A 439 -58.51 10.19 12.77
C ARG A 439 -59.11 9.73 14.09
N GLN A 440 -58.85 10.50 15.15
CA GLN A 440 -59.36 10.19 16.48
C GLN A 440 -60.89 10.16 16.51
N GLY A 441 -61.44 9.00 16.81
CA GLY A 441 -62.88 8.84 16.91
C GLY A 441 -63.56 8.92 15.55
N GLN A 442 -62.90 8.37 14.54
CA GLN A 442 -63.48 8.30 13.21
C GLN A 442 -62.75 7.33 12.28
N GLU A 443 -63.26 7.21 11.06
CA GLU A 443 -62.77 6.23 10.10
C GLU A 443 -61.27 6.36 9.80
N SER A 444 -60.52 5.31 10.15
CA SER A 444 -59.09 5.28 9.88
C SER A 444 -58.76 5.27 8.39
N LEU A 445 -57.63 5.87 8.05
CA LEU A 445 -57.10 5.83 6.69
C LEU A 445 -56.14 4.64 6.59
N LYS A 446 -56.28 3.86 5.51
CA LYS A 446 -55.45 2.69 5.31
C LYS A 446 -54.55 2.86 4.08
N VAL A 447 -53.25 2.59 4.26
CA VAL A 447 -52.28 2.76 3.17
C VAL A 447 -51.80 1.42 2.61
N LYS A 448 -51.90 1.27 1.30
CA LYS A 448 -51.38 0.08 0.64
C LYS A 448 -50.00 0.37 0.07
N LEU A 449 -49.03 -0.48 0.38
CA LEU A 449 -47.63 -0.18 0.09
C LEU A 449 -46.97 -1.15 -0.90
N TYR A 450 -46.74 -0.67 -2.12
CA TYR A 450 -45.99 -1.43 -3.10
C TYR A 450 -44.53 -1.01 -3.05
N ILE A 451 -43.63 -1.98 -2.84
CA ILE A 451 -42.20 -1.68 -2.86
C ILE A 451 -41.55 -2.25 -4.13
N VAL A 452 -40.87 -1.41 -4.90
CA VAL A 452 -40.28 -1.83 -6.16
C VAL A 452 -38.75 -1.87 -6.06
N GLU A 453 -38.16 -3.00 -6.45
CA GLU A 453 -36.71 -3.15 -6.32
C GLU A 453 -36.08 -4.02 -7.42
N LYS A 454 -34.80 -3.75 -7.72
CA LYS A 454 -34.05 -4.44 -8.78
C LYS A 454 -33.16 -5.56 -8.25
N ASN A 455 -32.33 -5.24 -7.26
CA ASN A 455 -31.38 -6.19 -6.69
C ASN A 455 -32.08 -7.35 -5.99
N PRO A 456 -31.90 -8.57 -6.51
CA PRO A 456 -32.58 -9.79 -6.04
C PRO A 456 -32.24 -10.15 -4.60
N ASN A 457 -31.03 -9.81 -4.17
CA ASN A 457 -30.63 -10.02 -2.77
C ASN A 457 -31.47 -9.11 -1.87
N ALA A 458 -31.56 -7.85 -2.24
CA ALA A 458 -32.43 -6.91 -1.57
C ALA A 458 -33.82 -7.53 -1.40
N ILE A 459 -34.40 -7.98 -2.51
CA ILE A 459 -35.66 -8.70 -2.50
C ILE A 459 -35.67 -9.81 -1.44
N VAL A 460 -34.63 -10.64 -1.43
CA VAL A 460 -34.49 -11.67 -0.42
C VAL A 460 -34.73 -11.10 0.97
N THR A 461 -34.14 -9.95 1.26
CA THR A 461 -34.37 -9.32 2.57
C THR A 461 -35.79 -8.77 2.72
N LEU A 462 -36.34 -8.26 1.62
CA LEU A 462 -37.65 -7.61 1.62
C LEU A 462 -38.78 -8.59 1.93
N LYS A 463 -38.67 -9.81 1.42
CA LYS A 463 -39.68 -10.82 1.70
C LYS A 463 -39.69 -11.21 3.18
N TYR A 464 -38.49 -11.40 3.75
CA TYR A 464 -38.33 -11.71 5.16
C TYR A 464 -38.91 -10.59 6.02
N MET A 465 -38.57 -9.34 5.68
CA MET A 465 -39.12 -8.20 6.39
C MET A 465 -40.65 -8.21 6.30
N ASN A 466 -41.16 -8.45 5.09
CA ASN A 466 -42.60 -8.46 4.83
C ASN A 466 -43.32 -9.57 5.56
N VAL A 467 -42.60 -10.63 5.92
CA VAL A 467 -43.22 -11.70 6.68
C VAL A 467 -43.18 -11.36 8.16
N ARG A 468 -41.98 -11.19 8.71
CA ARG A 468 -41.84 -10.99 10.14
C ARG A 468 -42.46 -9.69 10.65
N THR A 469 -41.95 -8.57 10.16
CA THR A 469 -42.37 -7.26 10.66
C THR A 469 -43.67 -6.74 10.03
N TRP A 470 -43.73 -6.71 8.71
CA TRP A 470 -44.81 -6.05 7.99
C TRP A 470 -46.10 -6.88 7.89
N LYS A 471 -46.00 -8.17 8.21
CA LYS A 471 -47.17 -9.03 8.24
C LYS A 471 -47.87 -9.09 6.88
N ARG A 472 -47.12 -9.53 5.86
CA ARG A 472 -47.65 -9.74 4.52
C ARG A 472 -48.40 -8.52 3.94
N ARG A 473 -48.24 -7.36 4.57
CA ARG A 473 -48.94 -6.16 4.14
C ARG A 473 -48.59 -5.75 2.72
N VAL A 474 -47.29 -5.61 2.47
CA VAL A 474 -46.81 -4.96 1.26
C VAL A 474 -46.64 -5.90 0.07
N THR A 475 -46.86 -5.36 -1.13
CA THR A 475 -46.59 -6.07 -2.37
C THR A 475 -45.16 -5.79 -2.84
N ILE A 476 -44.35 -6.85 -2.85
CA ILE A 476 -42.97 -6.76 -3.34
C ILE A 476 -42.97 -6.93 -4.85
N ILE A 477 -42.31 -6.02 -5.56
CA ILE A 477 -42.25 -6.07 -7.02
C ILE A 477 -40.82 -6.04 -7.54
N GLU A 478 -40.45 -7.08 -8.30
CA GLU A 478 -39.09 -7.19 -8.80
C GLU A 478 -38.96 -6.63 -10.22
N SER A 479 -38.38 -5.45 -10.30
CA SER A 479 -38.13 -4.76 -11.56
C SER A 479 -37.36 -3.50 -11.20
N ASP A 480 -36.71 -2.89 -12.18
CA ASP A 480 -36.21 -1.54 -11.96
C ASP A 480 -37.38 -0.62 -12.26
N MET A 481 -37.63 0.33 -11.38
CA MET A 481 -38.78 1.22 -11.50
C MET A 481 -39.07 1.63 -12.93
N ARG A 482 -38.01 1.81 -13.71
CA ARG A 482 -38.13 2.29 -15.09
C ARG A 482 -38.89 1.32 -16.00
N SER A 483 -39.29 0.17 -15.46
CA SER A 483 -40.05 -0.83 -16.21
C SER A 483 -41.42 -1.09 -15.60
N LEU A 484 -41.70 -0.45 -14.47
CA LEU A 484 -42.97 -0.61 -13.76
C LEU A 484 -44.19 -0.48 -14.67
N PRO A 485 -44.35 0.70 -15.31
CA PRO A 485 -45.54 1.07 -16.07
C PRO A 485 -46.23 -0.10 -16.77
N GLY A 486 -45.47 -0.90 -17.50
CA GLY A 486 -46.01 -2.04 -18.21
C GLY A 486 -46.58 -3.10 -17.28
N ILE A 487 -45.72 -3.71 -16.46
CA ILE A 487 -46.13 -4.79 -15.57
C ILE A 487 -47.11 -4.34 -14.48
N ALA A 488 -47.20 -3.03 -14.27
CA ALA A 488 -48.11 -2.48 -13.27
C ALA A 488 -49.57 -2.71 -13.65
N LYS A 489 -50.01 -2.07 -14.73
CA LYS A 489 -51.38 -2.22 -15.20
C LYS A 489 -51.61 -3.61 -15.79
N ASP A 490 -50.54 -4.20 -16.32
CA ASP A 490 -50.61 -5.57 -16.85
C ASP A 490 -51.02 -6.55 -15.76
N ARG A 491 -50.24 -6.62 -14.68
CA ARG A 491 -50.51 -7.56 -13.60
C ARG A 491 -51.66 -7.10 -12.69
N GLY A 492 -52.22 -5.94 -13.00
CA GLY A 492 -53.46 -5.50 -12.39
C GLY A 492 -53.36 -4.61 -11.16
N PHE A 493 -52.35 -3.74 -11.13
CA PHE A 493 -52.18 -2.85 -9.99
C PHE A 493 -52.65 -1.43 -10.33
N GLU A 494 -53.06 -0.68 -9.31
CA GLU A 494 -53.58 0.67 -9.51
C GLU A 494 -52.50 1.74 -9.32
N GLN A 495 -52.60 2.81 -10.11
CA GLN A 495 -51.64 3.91 -10.07
C GLN A 495 -51.49 4.48 -8.67
N PRO A 496 -50.30 5.02 -8.37
CA PRO A 496 -50.01 5.45 -7.01
C PRO A 496 -50.53 6.86 -6.76
N ASP A 497 -50.48 7.28 -5.50
CA ASP A 497 -50.80 8.64 -5.13
C ASP A 497 -49.51 9.31 -4.67
N ILE A 498 -48.69 8.56 -3.95
CA ILE A 498 -47.37 9.04 -3.55
C ILE A 498 -46.31 8.05 -4.02
N ILE A 499 -45.21 8.55 -4.56
CA ILE A 499 -44.06 7.70 -4.88
C ILE A 499 -42.83 8.16 -4.10
N VAL A 500 -42.46 7.35 -3.10
CA VAL A 500 -41.36 7.67 -2.21
C VAL A 500 -40.04 7.04 -2.68
N SER A 501 -39.01 7.88 -2.83
CA SER A 501 -37.69 7.40 -3.23
C SER A 501 -36.60 8.08 -2.42
N GLU A 502 -35.43 7.45 -2.36
CA GLU A 502 -34.26 8.05 -1.73
C GLU A 502 -33.02 7.68 -2.55
N LEU A 503 -32.88 8.31 -3.71
CA LEU A 503 -31.78 8.00 -4.62
C LEU A 503 -30.82 9.18 -4.73
N LEU A 504 -30.34 9.64 -3.58
CA LEU A 504 -29.55 10.86 -3.53
C LEU A 504 -28.06 10.58 -3.35
N GLY A 505 -27.26 11.29 -4.14
CA GLY A 505 -25.83 11.33 -3.94
C GLY A 505 -25.45 12.63 -3.24
N SER A 506 -24.19 12.72 -2.84
CA SER A 506 -23.70 13.91 -2.14
C SER A 506 -23.82 15.14 -3.03
N PHE A 507 -23.80 14.95 -4.34
CA PHE A 507 -23.96 16.05 -5.27
C PHE A 507 -25.38 16.03 -5.83
N GLY A 508 -26.27 15.38 -5.09
CA GLY A 508 -27.68 15.34 -5.45
C GLY A 508 -27.98 14.32 -6.53
N ASP A 509 -27.79 14.72 -7.78
CA ASP A 509 -28.18 13.91 -8.92
C ASP A 509 -27.09 12.96 -9.42
N ASN A 510 -25.97 12.89 -8.71
CA ASN A 510 -24.88 12.03 -9.13
C ASN A 510 -25.27 10.55 -9.16
N GLU A 511 -26.11 10.14 -8.21
CA GLU A 511 -26.55 8.75 -8.13
C GLU A 511 -27.82 8.48 -8.93
N LEU A 512 -27.94 9.14 -10.08
CA LEU A 512 -28.94 8.81 -11.08
C LEU A 512 -30.42 8.98 -10.70
N SER A 513 -30.69 9.60 -9.56
CA SER A 513 -32.07 9.79 -9.11
C SER A 513 -33.05 10.23 -10.20
N PRO A 514 -32.76 11.36 -10.87
CA PRO A 514 -33.71 11.92 -11.85
C PRO A 514 -34.10 10.94 -12.95
N GLU A 515 -33.17 10.09 -13.40
CA GLU A 515 -33.49 9.13 -14.46
C GLU A 515 -34.36 7.98 -13.93
N CYS A 516 -34.04 7.52 -12.72
CA CYS A 516 -34.83 6.47 -12.08
C CYS A 516 -36.26 6.93 -11.86
N LEU A 517 -36.44 8.04 -11.16
CA LEU A 517 -37.77 8.59 -10.93
C LEU A 517 -38.46 8.94 -12.25
N ASP A 518 -37.71 9.48 -13.20
CA ASP A 518 -38.27 9.89 -14.48
C ASP A 518 -38.81 8.72 -15.29
N GLY A 519 -38.22 7.54 -15.13
CA GLY A 519 -38.66 6.38 -15.88
C GLY A 519 -40.05 5.85 -15.54
N VAL A 520 -40.67 6.41 -14.52
CA VAL A 520 -41.92 5.86 -14.00
C VAL A 520 -43.09 6.85 -14.12
N THR A 521 -42.98 7.83 -15.00
CA THR A 521 -43.97 8.91 -15.10
C THR A 521 -45.29 8.53 -15.81
N GLY A 522 -45.22 7.56 -16.71
CA GLY A 522 -46.35 7.21 -17.54
C GLY A 522 -47.47 6.47 -16.81
N PHE A 523 -47.23 6.16 -15.53
CA PHE A 523 -48.12 5.32 -14.75
C PHE A 523 -48.67 6.08 -13.53
N LEU A 524 -48.49 7.39 -13.53
CA LEU A 524 -48.91 8.21 -12.40
C LEU A 524 -50.12 9.08 -12.73
N LYS A 525 -50.92 9.37 -11.70
CA LYS A 525 -51.99 10.34 -11.82
C LYS A 525 -51.33 11.71 -11.90
N PRO A 526 -51.97 12.65 -12.62
CA PRO A 526 -51.54 14.05 -12.52
C PRO A 526 -51.61 14.49 -11.06
N THR A 527 -52.34 13.72 -10.25
CA THR A 527 -52.51 13.98 -8.84
C THR A 527 -51.29 13.55 -8.02
N THR A 528 -50.59 12.53 -8.51
CA THR A 528 -49.51 11.89 -7.77
C THR A 528 -48.47 12.87 -7.24
N ILE A 529 -48.48 13.08 -5.92
CA ILE A 529 -47.43 13.83 -5.26
C ILE A 529 -46.23 12.91 -5.10
N SER A 530 -45.03 13.45 -5.30
CA SER A 530 -43.82 12.65 -5.29
C SER A 530 -42.82 13.13 -4.25
N ILE A 531 -42.39 12.21 -3.39
CA ILE A 531 -41.35 12.50 -2.43
C ILE A 531 -40.04 11.76 -2.73
N PRO A 532 -38.93 12.51 -2.80
CA PRO A 532 -38.93 13.96 -2.58
C PRO A 532 -39.53 14.74 -3.75
N GLN A 533 -39.96 15.96 -3.47
CA GLN A 533 -40.51 16.82 -4.51
C GLN A 533 -39.38 17.47 -5.28
N LYS A 534 -38.47 18.09 -4.55
CA LYS A 534 -37.41 18.86 -5.18
C LYS A 534 -36.09 18.58 -4.46
N TYR A 535 -34.99 18.66 -5.21
CA TYR A 535 -33.67 18.73 -4.59
C TYR A 535 -32.75 19.61 -5.44
N THR A 536 -31.75 20.21 -4.79
CA THR A 536 -30.84 21.11 -5.50
C THR A 536 -29.38 20.92 -5.09
N SER A 537 -28.52 20.89 -6.11
CA SER A 537 -27.10 20.63 -5.93
C SER A 537 -26.32 21.94 -5.92
N TYR A 538 -25.59 22.18 -4.84
CA TYR A 538 -24.81 23.41 -4.66
C TYR A 538 -23.29 23.19 -4.70
N VAL A 539 -22.54 24.27 -4.60
CA VAL A 539 -21.09 24.19 -4.77
C VAL A 539 -20.37 25.40 -4.12
N LYS A 540 -19.14 25.17 -3.64
CA LYS A 540 -18.35 26.22 -2.99
C LYS A 540 -16.85 25.97 -3.08
N PRO A 541 -16.10 26.94 -3.62
CA PRO A 541 -14.66 26.80 -3.89
C PRO A 541 -13.84 26.62 -2.61
N ILE A 542 -12.95 25.64 -2.62
CA ILE A 542 -12.12 25.36 -1.44
C ILE A 542 -10.63 25.23 -1.77
N MET A 543 -9.81 25.25 -0.74
CA MET A 543 -8.36 25.13 -0.90
C MET A 543 -7.80 24.13 0.09
N SER A 544 -7.14 23.10 -0.45
CA SER A 544 -6.43 22.14 0.39
C SER A 544 -5.38 21.37 -0.40
N THR A 545 -4.14 21.41 0.08
CA THR A 545 -3.09 20.65 -0.54
C THR A 545 -3.35 19.18 -0.25
N HIS A 546 -4.00 18.90 0.87
CA HIS A 546 -4.24 17.52 1.27
C HIS A 546 -5.24 16.81 0.39
N ILE A 547 -6.41 17.40 0.21
CA ILE A 547 -7.44 16.78 -0.60
C ILE A 547 -6.92 16.55 -2.02
N HIS A 548 -6.34 17.59 -2.60
CA HIS A 548 -5.78 17.51 -3.94
C HIS A 548 -4.65 16.47 -4.05
N GLN A 549 -3.59 16.65 -3.26
CA GLN A 549 -2.45 15.73 -3.26
C GLN A 549 -2.89 14.29 -3.07
N THR A 550 -3.94 14.10 -2.27
CA THR A 550 -4.46 12.76 -1.98
C THR A 550 -5.24 12.18 -3.17
N ILE A 551 -6.11 12.98 -3.76
CA ILE A 551 -6.80 12.55 -4.99
C ILE A 551 -5.78 12.15 -6.05
N LYS A 552 -4.81 13.02 -6.29
CA LYS A 552 -3.86 12.81 -7.38
C LYS A 552 -3.02 11.55 -7.22
N ALA A 553 -2.57 11.27 -6.01
CA ALA A 553 -1.59 10.20 -5.80
C ALA A 553 -2.19 8.82 -5.49
N GLN A 554 -3.44 8.60 -5.85
CA GLN A 554 -4.02 7.27 -5.78
C GLN A 554 -3.30 6.40 -6.80
N SER A 555 -2.97 5.16 -6.43
CA SER A 555 -2.29 4.23 -7.33
C SER A 555 -2.99 2.87 -7.34
N ILE A 556 -2.73 2.07 -8.36
CA ILE A 556 -3.36 0.75 -8.45
C ILE A 556 -2.34 -0.40 -8.35
N PRO A 557 -2.27 -1.03 -7.16
CA PRO A 557 -1.43 -2.19 -6.88
C PRO A 557 -1.73 -3.36 -7.81
N TYR A 558 -0.75 -4.24 -8.03
CA TYR A 558 -0.90 -5.37 -8.94
C TYR A 558 -2.22 -6.11 -8.70
N LEU A 559 -2.57 -6.29 -7.43
CA LEU A 559 -3.71 -7.10 -7.10
C LEU A 559 -5.02 -6.38 -7.44
N SER A 560 -4.93 -5.08 -7.67
CA SER A 560 -6.12 -4.33 -8.07
C SER A 560 -6.15 -3.94 -9.54
N ARG A 561 -5.28 -4.55 -10.34
CA ARG A 561 -5.12 -4.21 -11.75
C ARG A 561 -6.36 -4.48 -12.63
N ALA A 562 -7.26 -5.32 -12.15
CA ALA A 562 -8.43 -5.69 -12.93
C ALA A 562 -9.72 -5.00 -12.45
N ILE A 563 -9.65 -4.30 -11.34
CA ILE A 563 -10.82 -3.58 -10.85
C ILE A 563 -11.34 -2.61 -11.92
N PRO A 564 -12.63 -2.70 -12.25
CA PRO A 564 -13.26 -1.86 -13.28
C PRO A 564 -13.16 -0.37 -12.97
N SER A 565 -12.92 0.42 -14.01
CA SER A 565 -12.81 1.86 -13.91
C SER A 565 -14.18 2.48 -13.66
N HIS A 566 -14.19 3.74 -13.25
CA HIS A 566 -15.43 4.47 -13.02
C HIS A 566 -15.95 5.11 -14.30
N GLY A 567 -15.19 4.99 -15.37
CA GLY A 567 -15.53 5.63 -16.62
C GLY A 567 -16.31 4.72 -17.54
N ARG A 568 -16.10 4.85 -18.84
CA ARG A 568 -16.80 4.04 -19.82
C ARG A 568 -16.08 2.73 -20.09
N GLY A 569 -14.85 2.61 -19.58
CA GLY A 569 -14.05 1.44 -19.85
C GLY A 569 -14.39 0.29 -18.92
N GLU A 570 -14.26 -0.93 -19.45
CA GLU A 570 -14.40 -2.13 -18.63
C GLU A 570 -13.13 -2.98 -18.76
N PRO A 571 -12.84 -3.77 -17.72
CA PRO A 571 -11.69 -4.68 -17.73
C PRO A 571 -11.64 -5.54 -18.99
N GLU A 572 -10.45 -6.02 -19.35
CA GLU A 572 -10.29 -6.88 -20.51
C GLU A 572 -9.20 -7.94 -20.31
N LEU A 573 -9.03 -8.79 -21.32
CA LEU A 573 -7.99 -9.81 -21.28
C LEU A 573 -6.75 -9.31 -22.03
N ASP A 574 -5.60 -9.39 -21.39
CA ASP A 574 -4.35 -9.04 -22.05
C ASP A 574 -3.72 -10.27 -22.71
N GLU A 575 -2.47 -10.12 -23.12
CA GLU A 575 -1.75 -11.18 -23.83
C GLU A 575 -1.56 -12.42 -22.97
N ASP A 576 -1.29 -12.23 -21.68
CA ASP A 576 -1.09 -13.33 -20.75
C ASP A 576 -2.41 -13.93 -20.27
N GLU A 577 -3.50 -13.64 -20.99
CA GLU A 577 -4.83 -14.08 -20.59
C GLU A 577 -5.11 -13.74 -19.12
N MET A 578 -4.86 -12.48 -18.77
CA MET A 578 -5.13 -11.96 -17.44
C MET A 578 -6.01 -10.73 -17.57
N TRP A 579 -6.81 -10.43 -16.56
CA TRP A 579 -7.73 -9.29 -16.65
C TRP A 579 -7.00 -8.00 -16.30
N ILE A 580 -7.23 -6.98 -17.09
CA ILE A 580 -6.62 -5.68 -16.83
C ILE A 580 -7.62 -4.57 -17.15
N GLN A 581 -7.79 -3.65 -16.19
CA GLN A 581 -8.52 -2.43 -16.48
C GLN A 581 -7.53 -1.39 -16.97
N LYS A 582 -7.55 -1.09 -18.26
CA LYS A 582 -6.59 -0.15 -18.83
C LYS A 582 -7.06 1.29 -18.65
N TYR A 583 -6.14 2.25 -18.81
CA TYR A 583 -6.48 3.66 -18.71
C TYR A 583 -5.71 4.46 -19.75
N PRO A 584 -6.25 4.54 -20.97
CA PRO A 584 -5.67 5.29 -22.09
C PRO A 584 -5.46 6.77 -21.78
N GLN A 585 -6.39 7.40 -21.07
CA GLN A 585 -6.25 8.82 -20.75
C GLN A 585 -5.10 9.11 -19.78
N GLY A 586 -4.52 8.04 -19.22
CA GLY A 586 -3.45 8.17 -18.25
C GLY A 586 -4.00 8.07 -16.84
N HIS A 587 -3.16 7.65 -15.90
CA HIS A 587 -3.63 7.41 -14.54
C HIS A 587 -3.98 8.68 -13.78
N VAL A 588 -3.09 9.67 -13.85
CA VAL A 588 -3.36 10.95 -13.19
C VAL A 588 -4.63 11.58 -13.75
N ARG A 589 -4.64 11.81 -15.06
CA ARG A 589 -5.82 12.31 -15.75
C ARG A 589 -7.06 11.63 -15.18
N ASN A 590 -7.13 10.31 -15.33
CA ASN A 590 -8.21 9.50 -14.79
C ASN A 590 -8.54 9.75 -13.31
N ASN A 591 -7.50 10.02 -12.53
CA ASN A 591 -7.65 10.33 -11.11
C ASN A 591 -8.35 11.66 -10.89
N MET A 592 -8.14 12.60 -11.80
CA MET A 592 -8.60 13.97 -11.55
C MET A 592 -9.96 14.26 -12.20
N ASP A 593 -10.37 13.44 -13.16
CA ASP A 593 -11.66 13.64 -13.83
C ASP A 593 -12.78 12.84 -13.16
N GLN A 594 -12.92 12.99 -11.85
CA GLN A 594 -13.97 12.28 -11.11
C GLN A 594 -14.52 13.14 -9.98
N ILE A 595 -15.84 13.12 -9.84
CA ILE A 595 -16.46 13.59 -8.60
C ILE A 595 -16.06 12.64 -7.49
N TYR A 596 -15.86 13.15 -6.29
CA TYR A 596 -15.54 12.26 -5.17
C TYR A 596 -16.46 12.54 -3.98
N VAL A 597 -16.38 11.69 -2.97
CA VAL A 597 -17.14 11.89 -1.75
C VAL A 597 -16.17 11.84 -0.58
N VAL A 598 -15.88 13.01 -0.02
CA VAL A 598 -14.79 13.13 0.92
C VAL A 598 -15.26 13.69 2.26
N TYR A 599 -14.56 13.34 3.33
CA TYR A 599 -14.72 14.04 4.60
C TYR A 599 -13.76 15.21 4.61
N LEU A 600 -14.30 16.39 4.30
CA LEU A 600 -13.48 17.59 4.22
C LEU A 600 -12.85 17.90 5.57
N SER A 601 -11.52 17.72 5.64
CA SER A 601 -10.80 17.96 6.89
C SER A 601 -9.78 19.09 6.81
N LYS A 602 -8.70 18.89 6.04
CA LYS A 602 -7.60 19.85 6.04
C LYS A 602 -7.73 20.90 4.93
N TYR A 603 -8.87 21.57 4.88
CA TYR A 603 -9.15 22.52 3.82
C TYR A 603 -9.52 23.90 4.34
N ILE A 604 -10.04 24.72 3.44
CA ILE A 604 -10.48 26.08 3.75
C ILE A 604 -11.36 26.57 2.62
N PRO A 605 -12.41 27.32 2.94
CA PRO A 605 -13.27 27.90 1.90
C PRO A 605 -12.65 29.16 1.30
N LEU A 606 -13.02 29.47 0.06
CA LEU A 606 -12.60 30.70 -0.59
C LEU A 606 -13.80 31.61 -0.82
N ALA A 607 -14.99 31.06 -0.58
CA ALA A 607 -16.22 31.82 -0.61
C ALA A 607 -16.90 31.71 0.75
N GLU A 608 -17.54 32.80 1.19
CA GLU A 608 -18.24 32.78 2.46
C GLU A 608 -19.44 31.82 2.39
N THR A 609 -20.07 31.76 1.22
CA THR A 609 -21.25 30.92 1.02
C THR A 609 -21.24 30.22 -0.33
N THR A 610 -22.07 29.19 -0.46
CA THR A 610 -22.13 28.40 -1.68
C THR A 610 -23.23 28.88 -2.61
N LYS A 611 -23.18 28.43 -3.87
CA LYS A 611 -24.17 28.83 -4.89
C LYS A 611 -24.95 27.62 -5.43
N PRO A 612 -26.19 27.86 -5.89
CA PRO A 612 -26.96 26.77 -6.51
C PRO A 612 -26.41 26.35 -7.87
N VAL A 613 -26.36 25.04 -8.10
CA VAL A 613 -25.92 24.51 -9.38
C VAL A 613 -27.07 23.85 -10.14
N PHE A 614 -27.56 22.70 -9.64
CA PHE A 614 -28.54 21.91 -10.40
C PHE A 614 -29.77 21.46 -9.60
N THR A 615 -30.95 21.99 -9.95
CA THR A 615 -32.19 21.58 -9.28
C THR A 615 -33.01 20.56 -10.08
N PHE A 616 -33.83 19.79 -9.38
CA PHE A 616 -34.70 18.78 -9.99
C PHE A 616 -36.01 18.66 -9.21
N GLU A 617 -37.12 18.57 -9.94
CA GLU A 617 -38.44 18.42 -9.32
C GLU A 617 -39.24 17.24 -9.89
N HIS A 618 -39.82 16.45 -8.99
CA HIS A 618 -40.65 15.31 -9.38
C HIS A 618 -42.02 15.38 -8.71
N PRO A 619 -43.06 14.86 -9.39
CA PRO A 619 -42.95 14.18 -10.68
C PRO A 619 -42.68 15.11 -11.86
N ASN A 620 -41.78 14.68 -12.74
CA ASN A 620 -41.43 15.41 -13.94
C ASN A 620 -42.48 15.14 -15.03
N PHE A 621 -43.70 15.62 -14.80
CA PHE A 621 -44.82 15.34 -15.69
C PHE A 621 -44.60 15.83 -17.12
N MET A 622 -43.79 16.88 -17.25
CA MET A 622 -43.56 17.50 -18.56
C MET A 622 -42.39 16.85 -19.27
N ASN A 623 -41.61 16.05 -18.53
CA ASN A 623 -40.44 15.39 -19.09
C ASN A 623 -39.39 16.34 -19.61
N SER A 624 -38.96 17.27 -18.76
CA SER A 624 -37.86 18.15 -19.11
C SER A 624 -36.58 17.33 -19.10
N SER A 625 -35.62 17.73 -19.93
CA SER A 625 -34.35 17.02 -20.01
C SER A 625 -33.63 17.07 -18.65
N ASN A 626 -33.15 15.92 -18.20
CA ASN A 626 -32.42 15.85 -16.94
C ASN A 626 -31.00 16.41 -17.07
N GLU A 627 -30.55 16.56 -18.31
CA GLU A 627 -29.21 17.08 -18.57
C GLU A 627 -29.18 18.58 -18.47
N ARG A 628 -28.11 19.12 -17.93
CA ARG A 628 -28.02 20.53 -17.63
C ARG A 628 -26.70 21.11 -18.09
N SER A 629 -26.52 22.41 -17.85
CA SER A 629 -25.29 23.12 -18.21
C SER A 629 -25.27 24.56 -17.66
N ASP A 630 -24.36 24.81 -16.71
CA ASP A 630 -24.33 26.12 -16.07
C ASP A 630 -22.95 26.67 -15.74
N SER A 631 -22.93 27.96 -15.42
CA SER A 631 -21.74 28.63 -14.91
C SER A 631 -22.02 29.01 -13.46
N ILE A 632 -21.01 28.88 -12.60
CA ILE A 632 -21.15 29.26 -11.21
C ILE A 632 -19.93 30.08 -10.82
N GLU A 633 -20.11 31.38 -10.61
CA GLU A 633 -18.98 32.28 -10.42
C GLU A 633 -18.82 32.78 -8.99
N PHE A 634 -17.57 32.91 -8.56
CA PHE A 634 -17.26 33.39 -7.22
C PHE A 634 -16.22 34.50 -7.28
N VAL A 635 -15.82 35.00 -6.12
CA VAL A 635 -14.83 36.07 -6.03
C VAL A 635 -13.84 35.82 -4.89
N MET A 636 -12.55 35.73 -5.22
CA MET A 636 -11.53 35.47 -4.21
C MET A 636 -11.06 36.76 -3.52
N ASP A 637 -10.84 36.67 -2.21
CA ASP A 637 -10.46 37.82 -1.41
C ASP A 637 -9.08 37.67 -0.78
N ARG A 638 -8.23 36.84 -1.38
CA ARG A 638 -6.88 36.61 -0.86
C ARG A 638 -5.99 35.81 -1.81
N ASN A 639 -4.68 35.85 -1.58
CA ASN A 639 -3.74 35.03 -2.33
C ASN A 639 -3.91 33.57 -1.94
N ALA A 640 -4.41 32.76 -2.87
CA ALA A 640 -4.75 31.38 -2.55
C ALA A 640 -4.54 30.38 -3.69
N ASP A 641 -4.44 29.11 -3.32
CA ASP A 641 -4.39 28.00 -4.28
C ASP A 641 -5.74 27.27 -4.32
N LEU A 642 -6.45 27.40 -5.43
CA LEU A 642 -7.76 26.79 -5.60
C LEU A 642 -7.65 25.37 -6.15
N MET A 643 -8.00 24.38 -5.33
CA MET A 643 -7.87 22.98 -5.75
C MET A 643 -9.16 22.42 -6.35
N GLY A 644 -10.23 23.20 -6.26
CA GLY A 644 -11.52 22.79 -6.80
C GLY A 644 -12.70 23.20 -5.93
N PHE A 645 -13.83 22.54 -6.16
CA PHE A 645 -15.06 22.91 -5.46
C PHE A 645 -15.58 21.78 -4.58
N ALA A 646 -16.15 22.16 -3.43
CA ALA A 646 -16.88 21.21 -2.59
C ALA A 646 -18.36 21.26 -2.95
N GLY A 647 -18.92 20.11 -3.27
CA GLY A 647 -20.29 20.01 -3.73
C GLY A 647 -21.26 19.54 -2.66
N TYR A 648 -22.46 20.10 -2.69
CA TYR A 648 -23.50 19.74 -1.74
C TYR A 648 -24.86 19.60 -2.43
N PHE A 649 -25.89 19.51 -1.62
CA PHE A 649 -27.25 19.40 -2.11
C PHE A 649 -28.17 19.51 -0.91
N ASP A 650 -29.33 20.13 -1.10
CA ASP A 650 -30.41 19.99 -0.13
C ASP A 650 -31.61 19.39 -0.85
N LEU A 651 -32.66 19.06 -0.12
CA LEU A 651 -33.72 18.29 -0.72
C LEU A 651 -35.04 18.38 0.05
N GLN A 652 -36.08 18.89 -0.63
CA GLN A 652 -37.39 18.92 -0.01
C GLN A 652 -38.19 17.66 -0.34
N LEU A 653 -38.46 16.88 0.70
CA LEU A 653 -39.26 15.68 0.56
C LEU A 653 -40.68 16.11 0.20
N TYR A 654 -41.23 16.99 1.03
CA TYR A 654 -42.60 17.46 0.87
C TYR A 654 -42.77 18.81 1.55
N LYS A 655 -43.05 19.84 0.74
CA LYS A 655 -43.37 21.17 1.27
C LYS A 655 -42.33 21.71 2.26
N THR A 656 -42.75 21.88 3.50
CA THR A 656 -41.87 22.33 4.58
C THR A 656 -40.80 21.28 4.92
N VAL A 657 -41.20 20.01 4.92
CA VAL A 657 -40.28 18.93 5.24
C VAL A 657 -39.16 18.82 4.20
N MET A 658 -37.92 18.92 4.68
CA MET A 658 -36.75 18.75 3.81
C MET A 658 -35.46 18.66 4.61
N LEU A 659 -34.49 17.91 4.10
CA LEU A 659 -33.18 17.83 4.76
C LEU A 659 -32.03 18.28 3.85
N SER A 660 -30.96 18.76 4.46
CA SER A 660 -29.92 19.45 3.72
C SER A 660 -28.51 19.13 4.20
N ILE A 661 -27.56 19.10 3.28
CA ILE A 661 -26.16 18.82 3.58
C ILE A 661 -25.33 20.10 3.47
N GLU A 662 -25.90 21.12 2.86
CA GLU A 662 -25.21 22.41 2.69
C GLU A 662 -24.86 23.02 4.05
N PRO A 663 -23.65 23.58 4.15
CA PRO A 663 -23.09 24.01 5.44
C PRO A 663 -24.01 24.97 6.19
N SER A 664 -24.65 25.89 5.46
CA SER A 664 -25.48 26.92 6.08
C SER A 664 -26.75 26.35 6.71
N THR A 665 -27.27 25.27 6.11
CA THR A 665 -28.48 24.63 6.59
C THR A 665 -28.29 23.11 6.72
N HIS A 666 -27.43 22.70 7.63
CA HIS A 666 -27.09 21.29 7.76
C HIS A 666 -27.93 20.60 8.83
N THR A 667 -28.74 19.64 8.40
CA THR A 667 -29.51 18.84 9.35
C THR A 667 -28.59 18.38 10.46
N PRO A 668 -28.80 18.90 11.67
CA PRO A 668 -27.90 18.65 12.80
C PRO A 668 -27.67 17.18 13.11
N GLY A 669 -26.41 16.79 13.18
CA GLY A 669 -26.03 15.43 13.55
C GLY A 669 -26.13 14.40 12.44
N MET A 670 -26.64 14.81 11.28
CA MET A 670 -26.80 13.89 10.16
C MET A 670 -25.47 13.53 9.51
N VAL A 671 -25.30 12.25 9.20
CA VAL A 671 -24.05 11.73 8.67
C VAL A 671 -24.31 10.93 7.40
N SER A 672 -25.58 10.87 7.00
CA SER A 672 -25.99 10.05 5.85
C SER A 672 -25.26 10.43 4.56
N TRP A 673 -24.70 11.64 4.53
CA TRP A 673 -23.96 12.12 3.37
C TRP A 673 -22.72 12.92 3.75
N PHE A 674 -21.62 12.68 3.03
CA PHE A 674 -20.45 13.55 3.10
C PHE A 674 -20.41 14.33 1.79
N PRO A 675 -19.73 15.49 1.78
CA PRO A 675 -19.80 16.33 0.58
C PRO A 675 -19.12 15.70 -0.64
N ALA A 676 -19.54 16.13 -1.82
CA ALA A 676 -18.85 15.76 -3.04
C ALA A 676 -17.64 16.67 -3.20
N VAL A 677 -16.74 16.30 -4.10
CA VAL A 677 -15.60 17.13 -4.45
C VAL A 677 -15.38 17.09 -5.95
N ILE A 678 -15.39 18.26 -6.58
CA ILE A 678 -15.10 18.38 -7.99
C ILE A 678 -13.70 18.97 -8.07
N PRO A 679 -12.70 18.11 -8.32
CA PRO A 679 -11.28 18.49 -8.26
C PRO A 679 -10.77 19.07 -9.58
N LEU A 680 -9.80 19.97 -9.46
CA LEU A 680 -9.08 20.46 -10.64
C LEU A 680 -7.82 19.59 -10.85
N ARG A 681 -7.48 19.34 -12.11
CA ARG A 681 -6.30 18.54 -12.43
C ARG A 681 -5.10 19.10 -11.69
N ASP A 682 -4.95 20.41 -11.76
CA ASP A 682 -3.82 21.10 -11.17
C ASP A 682 -4.32 22.25 -10.32
N GLN A 683 -3.78 22.38 -9.12
CA GLN A 683 -4.11 23.51 -8.28
C GLN A 683 -4.03 24.83 -9.06
N LEU A 684 -5.17 25.51 -9.17
CA LEU A 684 -5.26 26.78 -9.88
C LEU A 684 -5.02 27.95 -8.93
N ARG A 685 -4.11 28.85 -9.28
CA ARG A 685 -3.80 29.94 -8.36
C ARG A 685 -4.65 31.19 -8.58
N VAL A 686 -5.01 31.83 -7.48
CA VAL A 686 -5.86 33.01 -7.50
C VAL A 686 -5.35 34.06 -6.51
N GLY A 687 -5.81 35.29 -6.68
CA GLY A 687 -5.46 36.37 -5.78
C GLY A 687 -6.68 37.22 -5.47
N GLU A 688 -6.51 38.25 -4.65
CA GLU A 688 -7.63 39.10 -4.28
C GLU A 688 -8.21 39.76 -5.53
N GLY A 689 -9.49 39.53 -5.78
CA GLY A 689 -10.18 40.17 -6.88
C GLY A 689 -10.67 39.26 -8.00
N ASP A 690 -10.03 38.11 -8.17
CA ASP A 690 -10.35 37.22 -9.28
C ASP A 690 -11.76 36.62 -9.22
N ARG A 691 -12.42 36.59 -10.36
CA ARG A 691 -13.74 35.99 -10.50
C ARG A 691 -13.62 34.61 -11.14
N ILE A 692 -14.27 33.62 -10.51
CA ILE A 692 -14.14 32.24 -10.97
C ILE A 692 -15.44 31.66 -11.52
N SER A 693 -15.42 31.34 -12.81
CA SER A 693 -16.58 30.76 -13.48
C SER A 693 -16.43 29.25 -13.64
N LEU A 694 -17.03 28.50 -12.73
CA LEU A 694 -17.07 27.05 -12.83
C LEU A 694 -18.09 26.61 -13.87
N LYS A 695 -17.61 26.04 -14.97
CA LYS A 695 -18.50 25.54 -16.01
C LYS A 695 -18.77 24.07 -15.76
N ILE A 696 -20.00 23.74 -15.40
CA ILE A 696 -20.39 22.34 -15.24
C ILE A 696 -21.58 21.93 -16.11
N ASP A 697 -21.38 20.92 -16.94
CA ASP A 697 -22.47 20.36 -17.71
C ASP A 697 -22.80 18.97 -17.20
N ARG A 698 -24.08 18.68 -17.05
CA ARG A 698 -24.47 17.34 -16.65
C ARG A 698 -25.02 16.68 -17.91
N LYS A 699 -24.20 15.87 -18.57
CA LYS A 699 -24.62 15.23 -19.81
C LYS A 699 -25.21 13.84 -19.59
N VAL A 700 -26.18 13.51 -20.44
CA VAL A 700 -26.88 12.22 -20.35
C VAL A 700 -26.74 11.40 -21.64
N ASP A 701 -26.68 10.08 -21.46
CA ASP A 701 -26.30 9.15 -22.51
C ASP A 701 -27.35 8.06 -22.68
N ASN A 702 -27.31 7.38 -23.81
CA ASN A 702 -28.22 6.26 -24.05
C ASN A 702 -28.09 5.21 -22.96
N THR A 703 -27.03 5.30 -22.16
CA THR A 703 -26.66 4.22 -21.25
C THR A 703 -26.08 4.72 -19.92
N GLY A 704 -25.80 6.00 -19.83
CA GLY A 704 -25.22 6.54 -18.61
C GLY A 704 -25.33 8.05 -18.45
N VAL A 705 -24.69 8.56 -17.39
CA VAL A 705 -24.77 9.97 -17.02
C VAL A 705 -23.45 10.46 -16.43
N TRP A 706 -22.95 11.60 -16.90
CA TRP A 706 -21.68 12.10 -16.38
C TRP A 706 -21.59 13.63 -16.30
N TYR A 707 -20.61 14.12 -15.55
CA TYR A 707 -20.33 15.54 -15.46
C TYR A 707 -19.10 15.91 -16.26
N GLU A 708 -19.17 17.01 -17.00
CA GLU A 708 -17.97 17.60 -17.60
C GLU A 708 -17.79 18.99 -17.02
N TRP A 709 -16.68 19.23 -16.36
CA TRP A 709 -16.49 20.53 -15.71
C TRP A 709 -15.16 21.17 -16.05
N HIS A 710 -15.04 22.44 -15.72
CA HIS A 710 -13.76 23.16 -15.81
C HIS A 710 -13.93 24.55 -15.21
N VAL A 711 -12.91 25.39 -15.35
CA VAL A 711 -12.92 26.69 -14.70
C VAL A 711 -12.43 27.80 -15.61
N GLU A 712 -12.99 28.99 -15.43
CA GLU A 712 -12.49 30.20 -16.10
C GLU A 712 -12.17 31.26 -15.07
N LYS A 713 -10.90 31.62 -14.97
CA LYS A 713 -10.47 32.67 -14.05
C LYS A 713 -10.43 34.00 -14.78
N LYS A 714 -10.89 35.06 -14.11
CA LYS A 714 -10.77 36.41 -14.68
C LYS A 714 -10.28 37.40 -13.64
N LYS A 715 -9.17 38.08 -13.95
CA LYS A 715 -8.66 39.12 -13.07
C LYS A 715 -9.51 40.37 -13.25
N THR A 716 -9.18 41.44 -12.54
CA THR A 716 -9.97 42.67 -12.64
C THR A 716 -9.79 43.37 -13.99
N ASN A 717 -8.64 43.13 -14.61
CA ASN A 717 -8.35 43.69 -15.93
C ASN A 717 -9.10 43.00 -17.06
N GLY A 718 -10.09 42.20 -16.70
CA GLY A 718 -10.94 41.53 -17.68
C GLY A 718 -10.28 40.38 -18.40
N GLU A 719 -8.96 40.29 -18.31
CA GLU A 719 -8.20 39.25 -18.99
C GLU A 719 -8.51 37.89 -18.36
N SER A 720 -8.81 36.90 -19.20
CA SER A 720 -9.34 35.62 -18.73
C SER A 720 -8.58 34.37 -19.19
N VAL A 721 -8.51 33.39 -18.30
CA VAL A 721 -7.93 32.08 -18.60
C VAL A 721 -8.94 30.96 -18.34
N SER A 722 -8.67 29.77 -18.87
CA SER A 722 -9.60 28.65 -18.78
C SER A 722 -8.91 27.29 -18.71
N THR A 723 -9.09 26.58 -17.61
CA THR A 723 -8.51 25.23 -17.46
C THR A 723 -9.13 24.29 -18.48
N PRO A 724 -8.50 23.12 -18.68
CA PRO A 724 -9.03 22.22 -19.71
C PRO A 724 -10.29 21.50 -19.25
N ILE A 725 -11.17 21.22 -20.20
CA ILE A 725 -12.41 20.52 -19.90
C ILE A 725 -12.10 19.12 -19.38
N GLN A 726 -12.47 18.89 -18.12
CA GLN A 726 -12.18 17.65 -17.42
C GLN A 726 -13.32 16.65 -17.56
N ASN A 727 -12.97 15.37 -17.60
CA ASN A 727 -13.95 14.30 -17.80
C ASN A 727 -14.66 14.39 -19.16
N PRO A 728 -13.91 14.66 -20.23
CA PRO A 728 -14.51 14.71 -21.56
C PRO A 728 -15.09 13.37 -21.98
N ASN A 729 -16.41 13.21 -21.85
CA ASN A 729 -17.12 12.02 -22.27
C ASN A 729 -17.18 10.96 -21.17
N GLY A 730 -17.06 11.41 -19.93
CA GLY A 730 -17.14 10.53 -18.78
C GLY A 730 -16.13 9.40 -18.85
N GLU A 731 -15.07 9.61 -19.62
CA GLU A 731 -14.04 8.59 -19.81
C GLU A 731 -13.38 8.20 -18.49
N SER A 732 -13.52 9.04 -17.47
CA SER A 732 -12.91 8.79 -16.18
C SER A 732 -13.98 8.71 -15.08
N TYR A 733 -15.18 9.18 -15.40
CA TYR A 733 -16.28 9.19 -14.45
C TYR A 733 -17.60 9.22 -15.21
N TYR A 734 -18.27 8.07 -15.22
CA TYR A 734 -19.45 7.83 -16.04
C TYR A 734 -20.38 6.88 -15.33
N MET A 735 -21.38 7.41 -14.63
CA MET A 735 -22.38 6.58 -13.95
C MET A 735 -23.38 5.99 -14.95
N ARG A 736 -23.37 4.66 -15.07
CA ARG A 736 -24.18 3.96 -16.05
C ARG A 736 -25.49 3.44 -15.47
N MET A 737 -26.35 2.90 -16.32
CA MET A 737 -27.65 2.42 -15.89
C MET A 737 -28.07 1.13 -16.61
N ALA B 47 -0.84 18.42 28.15
CA ALA B 47 0.16 18.38 29.21
C ALA B 47 1.53 18.87 28.72
N ASN B 48 2.59 18.32 29.30
CA ASN B 48 3.94 18.76 29.01
C ASN B 48 4.61 17.98 27.88
N SER B 49 4.89 16.70 28.11
CA SER B 49 5.61 15.88 27.15
C SER B 49 4.88 15.77 25.82
N ARG B 50 3.60 16.15 25.82
CA ARG B 50 2.80 16.13 24.59
C ARG B 50 3.35 17.12 23.57
N ILE B 51 3.87 18.24 24.06
CA ILE B 51 4.43 19.29 23.20
C ILE B 51 5.94 19.16 23.09
N HIS B 52 6.44 19.13 21.86
CA HIS B 52 7.86 18.91 21.60
C HIS B 52 8.59 20.20 21.25
N ILE B 53 9.70 20.45 21.95
CA ILE B 53 10.50 21.64 21.72
C ILE B 53 11.92 21.33 21.25
N GLY B 54 12.33 22.02 20.19
CA GLY B 54 13.64 21.80 19.60
C GLY B 54 14.55 23.00 19.69
N TRP B 55 15.85 22.76 19.63
CA TRP B 55 16.84 23.81 19.76
C TRP B 55 17.62 24.00 18.46
N MET B 56 17.48 25.16 17.83
CA MET B 56 18.26 25.43 16.64
C MET B 56 19.64 25.95 17.04
N ALA B 57 20.67 25.37 16.45
CA ALA B 57 22.04 25.81 16.68
C ALA B 57 22.26 27.11 15.94
N THR B 58 23.22 27.90 16.44
CA THR B 58 23.53 29.20 15.88
C THR B 58 24.99 29.47 16.22
N THR B 59 25.62 30.44 15.55
CA THR B 59 26.97 30.83 15.91
C THR B 59 27.01 31.30 17.37
N LEU B 60 25.85 31.72 17.87
CA LEU B 60 25.71 32.09 19.26
C LEU B 60 26.23 31.01 20.20
N ASP B 61 26.12 29.76 19.76
CA ASP B 61 26.58 28.65 20.60
C ASP B 61 27.61 27.76 19.89
N VAL B 62 28.70 28.36 19.43
CA VAL B 62 29.78 27.61 18.80
C VAL B 62 30.93 27.37 19.78
N ALA B 63 30.90 26.25 20.48
CA ALA B 63 32.02 25.84 21.31
C ALA B 63 33.13 25.30 20.42
N GLU B 64 34.15 24.69 21.02
CA GLU B 64 35.28 24.19 20.25
C GLU B 64 35.21 22.68 20.07
N ASN B 65 35.77 22.18 18.97
CA ASN B 65 35.70 20.76 18.63
C ASN B 65 34.27 20.22 18.69
N LEU B 66 33.30 21.13 18.61
CA LEU B 66 31.90 20.76 18.76
C LEU B 66 31.45 19.73 17.72
N ASP B 67 31.94 19.89 16.50
CA ASP B 67 31.60 18.95 15.42
C ASP B 67 32.09 17.54 15.75
N ARG B 68 32.90 17.41 16.79
CA ARG B 68 33.37 16.10 17.23
C ARG B 68 32.91 15.80 18.65
N HIS B 69 31.89 16.51 19.10
CA HIS B 69 31.26 16.29 20.39
C HIS B 69 29.79 16.70 20.35
N VAL B 70 28.93 15.80 19.87
CA VAL B 70 27.50 16.11 19.73
C VAL B 70 26.62 15.57 20.87
N ALA B 71 26.89 14.34 21.28
CA ALA B 71 26.10 13.70 22.33
C ALA B 71 25.95 14.61 23.55
N THR B 72 27.07 15.02 24.12
CA THR B 72 27.07 15.90 25.27
C THR B 72 26.27 17.18 24.99
N PHE B 73 26.45 17.73 23.80
CA PHE B 73 25.72 18.94 23.40
C PHE B 73 24.21 18.77 23.60
N CYS B 74 23.68 17.63 23.15
CA CYS B 74 22.25 17.37 23.25
C CYS B 74 21.84 16.85 24.63
N THR B 75 22.82 16.42 25.43
CA THR B 75 22.54 16.04 26.81
C THR B 75 22.32 17.32 27.62
N ARG B 76 23.14 18.32 27.32
CA ARG B 76 23.00 19.64 27.91
C ARG B 76 21.70 20.27 27.43
N LEU B 77 21.48 20.22 26.12
CA LEU B 77 20.25 20.73 25.54
C LEU B 77 19.04 20.05 26.15
N GLY B 78 19.18 18.78 26.49
CA GLY B 78 18.10 18.02 27.09
C GLY B 78 17.86 18.41 28.54
N GLU B 79 18.93 18.66 29.27
CA GLU B 79 18.82 19.06 30.67
C GLU B 79 18.11 20.41 30.81
N PHE B 80 17.97 21.12 29.70
CA PHE B 80 17.24 22.37 29.68
C PHE B 80 15.83 22.14 29.18
N LYS B 81 15.44 20.87 29.15
CA LYS B 81 14.09 20.46 28.77
C LYS B 81 13.69 20.81 27.33
N TYR B 82 14.30 20.14 26.37
CA TYR B 82 13.81 20.14 24.99
C TYR B 82 14.39 18.99 24.18
N ASN B 83 13.50 18.17 23.65
CA ASN B 83 13.86 16.87 23.11
C ASN B 83 14.71 16.92 21.85
N PHE B 84 14.11 17.32 20.73
CA PHE B 84 14.82 17.33 19.47
C PHE B 84 15.66 18.59 19.30
N VAL B 85 16.55 18.56 18.30
CA VAL B 85 17.43 19.68 18.04
C VAL B 85 17.64 19.87 16.53
N VAL B 86 17.92 21.11 16.12
CA VAL B 86 18.24 21.41 14.74
C VAL B 86 19.70 21.80 14.61
N TYR B 87 20.48 20.95 13.96
CA TYR B 87 21.93 21.09 13.94
C TYR B 87 22.43 20.95 12.51
N PRO B 88 23.13 21.98 12.01
CA PRO B 88 23.65 21.94 10.64
C PRO B 88 24.53 20.70 10.44
N ILE B 89 24.31 20.00 9.34
CA ILE B 89 24.83 18.64 9.17
C ILE B 89 26.28 18.58 8.73
N GLY B 90 26.76 19.63 8.06
CA GLY B 90 28.15 19.67 7.68
C GLY B 90 28.99 19.91 8.91
N GLY B 91 28.33 20.35 9.98
CA GLY B 91 28.99 20.77 11.19
C GLY B 91 29.02 22.28 11.24
N VAL B 92 29.40 22.83 12.38
CA VAL B 92 29.41 24.28 12.57
C VAL B 92 30.53 24.94 11.78
N VAL B 93 31.73 24.38 11.89
CA VAL B 93 32.89 24.87 11.14
C VAL B 93 32.54 25.11 9.67
N ARG B 94 31.77 24.20 9.09
CA ARG B 94 31.33 24.34 7.71
C ARG B 94 30.11 25.27 7.61
N ALA B 95 29.09 24.98 8.39
CA ALA B 95 27.80 25.66 8.28
C ALA B 95 27.87 27.18 8.34
N PHE B 96 28.71 27.71 9.22
CA PHE B 96 28.75 29.15 9.42
C PHE B 96 29.96 29.81 8.77
N TRP B 97 30.52 29.14 7.77
CA TRP B 97 31.60 29.71 6.99
C TRP B 97 31.04 30.83 6.12
N THR B 98 31.83 31.87 5.90
CA THR B 98 31.36 33.04 5.16
C THR B 98 32.32 33.39 4.04
N PRO B 99 31.92 33.10 2.80
CA PRO B 99 32.69 33.38 1.59
C PRO B 99 32.43 34.79 1.11
N ASN B 100 33.50 35.57 0.98
CA ASN B 100 33.41 36.89 0.39
C ASN B 100 34.66 37.14 -0.43
N GLY B 101 35.66 36.28 -0.23
CA GLY B 101 36.92 36.38 -0.92
C GLY B 101 36.88 35.69 -2.27
N SER B 102 38.06 35.56 -2.89
CA SER B 102 38.19 34.95 -4.21
C SER B 102 38.09 33.43 -4.12
N ALA B 103 38.58 32.75 -5.15
CA ALA B 103 38.60 31.28 -5.16
C ALA B 103 39.45 30.73 -4.01
N GLU B 104 40.22 31.61 -3.38
CA GLU B 104 41.05 31.23 -2.23
C GLU B 104 40.24 30.55 -1.14
N ASN B 105 39.05 31.08 -0.89
CA ASN B 105 38.17 30.52 0.13
C ASN B 105 37.29 29.40 -0.43
N HIS B 106 37.71 28.16 -0.19
CA HIS B 106 36.86 27.02 -0.46
C HIS B 106 36.24 26.52 0.84
N PRO B 107 35.05 25.92 0.76
CA PRO B 107 34.24 25.64 1.95
C PRO B 107 34.88 24.64 2.89
N PRO B 108 34.69 24.85 4.20
CA PRO B 108 35.08 23.88 5.22
C PRO B 108 34.44 22.52 4.94
N VAL B 109 35.27 21.52 4.65
CA VAL B 109 34.80 20.17 4.41
C VAL B 109 33.83 19.70 5.49
N ILE B 110 32.81 18.95 5.09
CA ILE B 110 31.88 18.36 6.04
C ILE B 110 32.68 17.53 7.04
N ASP B 111 32.58 17.89 8.32
CA ASP B 111 33.21 17.09 9.36
C ASP B 111 32.29 16.93 10.57
N LEU B 112 31.19 16.20 10.36
CA LEU B 112 30.31 15.77 11.43
C LEU B 112 30.20 14.25 11.39
N PRO B 113 31.12 13.55 12.07
CA PRO B 113 31.24 12.09 12.04
C PRO B 113 30.03 11.38 12.67
N ASP B 114 29.74 10.18 12.18
CA ASP B 114 28.61 9.41 12.68
C ASP B 114 28.94 8.68 13.98
N VAL B 115 30.10 8.02 13.99
CA VAL B 115 30.53 7.17 15.10
C VAL B 115 30.28 7.72 16.50
N GLN B 116 30.50 9.03 16.68
CA GLN B 116 30.30 9.67 17.98
C GLN B 116 28.96 9.34 18.61
N LEU B 117 28.01 8.92 17.78
CA LEU B 117 26.66 8.61 18.24
C LEU B 117 26.13 7.38 17.51
N ARG B 118 25.47 6.48 18.24
CA ARG B 118 24.85 5.34 17.58
C ARG B 118 23.66 5.82 16.76
N ASN B 119 23.46 5.20 15.60
CA ASN B 119 22.57 5.73 14.58
C ASN B 119 21.13 6.03 15.03
N ASP B 120 20.69 5.44 16.13
CA ASP B 120 19.34 5.67 16.60
C ASP B 120 19.25 6.94 17.45
N LEU B 121 20.38 7.37 17.98
CA LEU B 121 20.45 8.63 18.71
C LEU B 121 20.31 9.77 17.71
N TRP B 122 21.21 9.78 16.74
CA TRP B 122 21.09 10.66 15.59
C TRP B 122 19.65 10.61 15.13
N GLU B 123 19.19 9.41 14.80
CA GLU B 123 17.88 9.20 14.21
C GLU B 123 16.73 9.80 15.04
N SER B 124 16.91 9.83 16.34
CA SER B 124 15.85 10.31 17.23
C SER B 124 15.87 11.81 17.46
N TYR B 125 17.06 12.37 17.67
CA TYR B 125 17.13 13.75 18.16
C TYR B 125 17.60 14.82 17.15
N VAL B 126 18.51 14.45 16.27
CA VAL B 126 19.14 15.43 15.38
C VAL B 126 18.35 15.74 14.09
N VAL B 127 17.84 16.97 13.99
CA VAL B 127 17.20 17.44 12.76
C VAL B 127 18.24 18.16 11.93
N GLY B 128 18.59 17.60 10.78
CA GLY B 128 19.64 18.13 9.94
C GLY B 128 19.24 19.38 9.17
N LYS B 129 20.19 20.29 8.98
CA LYS B 129 19.92 21.54 8.28
C LYS B 129 21.08 21.94 7.37
N ILE B 130 20.75 22.49 6.21
CA ILE B 130 21.73 22.87 5.20
C ILE B 130 22.48 24.18 5.53
N SER B 131 23.80 24.15 5.33
CA SER B 131 24.65 25.31 5.54
C SER B 131 24.03 26.57 4.95
N PRO B 132 23.66 27.53 5.81
CA PRO B 132 23.00 28.78 5.40
C PRO B 132 23.74 29.51 4.28
N TRP B 133 25.04 29.28 4.16
CA TRP B 133 25.84 29.99 3.17
C TRP B 133 25.59 29.53 1.73
N ILE B 134 24.94 28.38 1.58
CA ILE B 134 24.69 27.81 0.26
C ILE B 134 23.54 28.53 -0.45
N ASP B 135 23.87 29.30 -1.48
CA ASP B 135 22.86 30.04 -2.22
C ASP B 135 22.75 29.51 -3.65
N CYS B 136 22.03 28.41 -3.83
CA CYS B 136 21.92 27.79 -5.14
C CYS B 136 21.44 28.73 -6.24
N ASP B 137 20.85 29.85 -5.83
CA ASP B 137 20.37 30.86 -6.77
C ASP B 137 21.15 32.17 -6.67
N SER B 138 22.46 32.06 -6.45
CA SER B 138 23.32 33.23 -6.37
C SER B 138 23.30 33.97 -7.70
N SER B 139 23.42 35.30 -7.62
CA SER B 139 23.50 36.12 -8.82
C SER B 139 24.84 35.91 -9.53
N ASP B 140 25.78 35.29 -8.81
CA ASP B 140 27.11 34.96 -9.32
C ASP B 140 27.14 33.50 -9.76
N PRO B 141 27.20 33.27 -11.08
CA PRO B 141 27.09 31.95 -11.71
C PRO B 141 27.96 30.93 -11.00
N ALA B 142 29.24 31.25 -10.88
CA ALA B 142 30.22 30.41 -10.19
C ALA B 142 29.76 29.96 -8.81
N PHE B 143 29.30 30.92 -8.01
CA PHE B 143 28.89 30.60 -6.65
C PHE B 143 27.61 29.76 -6.61
N ALA B 144 26.75 29.91 -7.61
CA ALA B 144 25.57 29.05 -7.70
C ALA B 144 25.97 27.61 -8.05
N SER B 145 26.90 27.44 -9.00
CA SER B 145 27.42 26.11 -9.32
C SER B 145 28.02 25.45 -8.09
N LEU B 146 28.89 26.19 -7.41
CA LEU B 146 29.50 25.73 -6.18
C LEU B 146 28.41 25.31 -5.21
N SER B 147 27.37 26.15 -5.11
CA SER B 147 26.27 25.89 -4.18
C SER B 147 25.51 24.61 -4.52
N GLU B 148 25.37 24.31 -5.81
CA GLU B 148 24.70 23.09 -6.24
C GLU B 148 25.52 21.89 -5.81
N GLU B 149 26.82 21.94 -6.13
CA GLU B 149 27.72 20.87 -5.71
C GLU B 149 27.62 20.58 -4.22
N HIS B 150 27.68 21.62 -3.40
CA HIS B 150 27.67 21.42 -1.96
C HIS B 150 26.28 21.08 -1.39
N LEU B 151 25.23 21.63 -1.96
CA LEU B 151 23.87 21.25 -1.59
C LEU B 151 23.70 19.75 -1.79
N LEU B 152 24.29 19.26 -2.87
CA LEU B 152 24.31 17.83 -3.13
C LEU B 152 25.12 17.06 -2.09
N LYS B 153 26.38 17.42 -1.89
CA LYS B 153 27.20 16.75 -0.87
C LYS B 153 26.43 16.65 0.44
N GLU B 154 25.72 17.73 0.76
CA GLU B 154 25.02 17.86 2.01
C GLU B 154 23.77 16.97 2.08
N LEU B 155 22.98 16.96 1.02
CA LEU B 155 21.83 16.05 0.96
C LEU B 155 22.34 14.64 1.15
N SER B 156 23.35 14.29 0.35
CA SER B 156 24.01 12.99 0.46
C SER B 156 24.38 12.68 1.91
N TYR B 157 24.83 13.69 2.65
CA TYR B 157 25.19 13.44 4.03
C TYR B 157 24.00 13.23 4.97
N ILE B 158 22.98 14.07 4.85
CA ILE B 158 21.74 13.87 5.58
C ILE B 158 21.39 12.40 5.43
N CYS B 159 21.43 11.92 4.18
CA CYS B 159 21.09 10.53 3.90
C CYS B 159 22.07 9.58 4.58
N TYR B 160 23.33 9.96 4.63
CA TYR B 160 24.37 9.13 5.25
C TYR B 160 24.13 8.91 6.75
N LEU B 161 24.15 10.00 7.52
CA LEU B 161 23.89 9.91 8.95
C LEU B 161 22.58 9.21 9.26
N GLY B 162 21.70 9.11 8.28
CA GLY B 162 20.42 8.46 8.46
C GLY B 162 19.42 9.29 9.25
N LEU B 163 19.26 10.55 8.84
CA LEU B 163 18.38 11.48 9.54
C LEU B 163 16.91 11.27 9.16
N GLN B 164 16.02 11.46 10.13
CA GLN B 164 14.59 11.22 9.95
C GLN B 164 13.84 12.45 9.46
N THR B 165 14.44 13.62 9.70
CA THR B 165 13.87 14.91 9.30
C THR B 165 15.02 15.82 8.90
N MET B 166 14.73 16.82 8.07
CA MET B 166 15.75 17.78 7.69
C MET B 166 15.15 19.12 7.26
N ALA B 167 15.76 20.20 7.74
CA ALA B 167 15.27 21.56 7.48
C ALA B 167 16.13 22.31 6.45
N ILE B 168 15.48 23.18 5.67
CA ILE B 168 16.16 23.95 4.62
C ILE B 168 15.60 25.36 4.53
N GLU B 169 16.45 26.35 4.81
CA GLU B 169 15.97 27.73 4.92
C GLU B 169 15.89 28.45 3.57
N LEU B 170 14.68 28.88 3.22
CA LEU B 170 14.48 29.70 2.04
C LEU B 170 14.90 31.15 2.31
N THR B 171 15.92 31.61 1.59
CA THR B 171 16.47 32.95 1.78
C THR B 171 16.08 33.88 0.62
N ARG B 172 15.21 33.40 -0.25
CA ARG B 172 14.79 34.21 -1.39
C ARG B 172 13.28 34.13 -1.58
N ILE B 173 12.76 35.02 -2.43
CA ILE B 173 11.36 34.99 -2.83
C ILE B 173 11.17 33.92 -3.90
N SER B 174 12.23 33.66 -4.66
CA SER B 174 12.18 32.66 -5.72
C SER B 174 13.48 31.84 -5.74
N SER B 175 13.38 30.53 -5.54
CA SER B 175 14.57 29.69 -5.39
C SER B 175 14.54 28.49 -6.30
N PRO B 176 14.52 28.74 -7.62
CA PRO B 176 14.30 27.80 -8.72
C PRO B 176 15.38 26.72 -8.84
N ARG B 177 16.66 27.08 -8.82
CA ARG B 177 17.73 26.08 -8.90
C ARG B 177 17.71 25.15 -7.69
N THR B 178 17.64 25.76 -6.52
CA THR B 178 17.48 25.03 -5.28
C THR B 178 16.32 24.05 -5.45
N ALA B 179 15.21 24.56 -5.95
CA ALA B 179 14.02 23.75 -6.10
C ALA B 179 14.22 22.58 -7.07
N ALA B 180 15.01 22.79 -8.12
CA ALA B 180 15.25 21.72 -9.08
C ALA B 180 16.10 20.60 -8.45
N ILE B 181 17.16 21.00 -7.75
CA ILE B 181 18.03 20.06 -7.07
C ILE B 181 17.26 19.24 -6.04
N LEU B 182 16.53 19.96 -5.18
CA LEU B 182 15.75 19.33 -4.13
C LEU B 182 14.76 18.36 -4.75
N LYS B 183 13.99 18.86 -5.72
CA LYS B 183 13.02 18.10 -6.50
C LYS B 183 13.56 16.74 -6.96
N LYS B 184 14.56 16.80 -7.84
CA LYS B 184 15.15 15.57 -8.33
C LYS B 184 15.58 14.67 -7.16
N TRP B 185 16.10 15.30 -6.12
CA TRP B 185 16.58 14.56 -4.95
C TRP B 185 15.50 13.73 -4.26
N ILE B 186 14.46 14.39 -3.77
CA ILE B 186 13.41 13.70 -3.03
C ILE B 186 12.66 12.73 -3.92
N TRP B 187 12.51 13.08 -5.20
CA TRP B 187 11.77 12.20 -6.10
C TRP B 187 12.53 10.93 -6.45
N THR B 188 13.85 11.01 -6.48
CA THR B 188 14.65 9.82 -6.77
C THR B 188 15.20 9.07 -5.53
N ARG B 189 14.82 9.52 -4.34
CA ARG B 189 15.17 8.79 -3.11
C ARG B 189 14.22 7.62 -2.87
N ASN B 190 14.77 6.44 -2.62
CA ASN B 190 13.94 5.31 -2.22
C ASN B 190 13.77 5.26 -0.71
N SER B 191 14.38 6.23 -0.04
CA SER B 191 14.18 6.44 1.40
C SER B 191 12.95 7.31 1.60
N ARG B 192 12.30 7.15 2.76
CA ARG B 192 11.10 7.91 3.06
C ARG B 192 11.33 8.86 4.23
N PHE B 193 11.91 10.02 3.97
CA PHE B 193 12.25 10.96 5.04
C PHE B 193 11.48 12.29 4.99
N THR B 194 11.56 13.06 6.07
CA THR B 194 10.78 14.28 6.25
C THR B 194 11.62 15.51 5.93
N VAL B 195 10.95 16.59 5.50
CA VAL B 195 11.63 17.81 5.09
C VAL B 195 10.87 19.07 5.50
N TRP B 196 11.55 19.93 6.25
CA TRP B 196 11.00 21.22 6.68
C TRP B 196 11.55 22.37 5.85
N VAL B 197 10.68 23.01 5.09
CA VAL B 197 11.08 24.20 4.35
C VAL B 197 10.88 25.42 5.23
N GLN B 198 11.95 25.84 5.90
CA GLN B 198 11.89 27.02 6.78
C GLN B 198 11.83 28.32 5.97
N LEU B 199 11.07 29.28 6.48
CA LEU B 199 10.83 30.51 5.76
C LEU B 199 11.55 31.72 6.34
N PRO B 200 11.49 32.86 5.63
CA PRO B 200 12.01 34.14 6.14
C PRO B 200 11.00 34.83 7.07
N SER B 201 11.50 35.73 7.92
CA SER B 201 10.65 36.47 8.86
C SER B 201 9.49 37.15 8.15
N ALA B 202 9.80 37.92 7.12
CA ALA B 202 8.80 38.54 6.27
C ALA B 202 9.36 38.66 4.87
N ILE B 203 8.49 38.87 3.89
CA ILE B 203 8.93 38.99 2.51
C ILE B 203 10.09 39.98 2.40
N GLU B 204 10.05 41.02 3.23
CA GLU B 204 11.00 42.12 3.16
C GLU B 204 12.48 41.71 3.17
N LYS B 205 12.84 40.68 3.92
CA LYS B 205 14.25 40.33 4.10
C LYS B 205 14.76 39.19 3.19
N CYS B 206 14.17 39.06 2.02
CA CYS B 206 14.66 38.11 1.02
C CYS B 206 15.80 38.74 0.23
N LYS B 207 16.73 37.92 -0.25
CA LYS B 207 17.86 38.41 -1.02
C LYS B 207 17.42 39.12 -2.30
N ASP B 208 16.39 38.58 -2.94
CA ASP B 208 15.90 39.13 -4.19
C ASP B 208 14.76 40.11 -3.94
N TYR B 209 14.63 40.55 -2.68
CA TYR B 209 13.59 41.52 -2.33
C TYR B 209 13.82 42.86 -3.01
N ASP B 210 12.84 43.26 -3.82
CA ASP B 210 12.81 44.57 -4.41
C ASP B 210 11.40 45.11 -4.22
N ALA B 211 11.27 46.18 -3.46
CA ALA B 211 9.95 46.73 -3.14
C ALA B 211 9.28 47.37 -4.35
N PHE B 212 9.76 47.03 -5.54
CA PHE B 212 9.30 47.68 -6.75
C PHE B 212 8.51 46.74 -7.66
N THR B 213 8.67 45.43 -7.44
CA THR B 213 7.87 44.44 -8.15
C THR B 213 7.33 43.37 -7.19
N ILE B 214 7.33 43.67 -5.89
CA ILE B 214 6.70 42.80 -4.89
C ILE B 214 5.20 43.07 -4.89
N GLU B 215 4.60 42.86 -6.06
CA GLU B 215 3.21 43.21 -6.29
C GLU B 215 2.27 42.58 -5.26
N HIS B 216 1.94 41.31 -5.47
CA HIS B 216 1.07 40.59 -4.56
C HIS B 216 1.76 39.32 -4.05
N VAL B 217 2.88 39.50 -3.38
CA VAL B 217 3.67 38.36 -2.90
C VAL B 217 3.66 38.33 -1.37
N ASP B 218 3.75 37.12 -0.82
CA ASP B 218 3.70 36.93 0.62
C ASP B 218 4.39 35.63 1.01
N LEU B 219 4.69 35.50 2.30
CA LEU B 219 5.33 34.29 2.82
C LEU B 219 4.66 33.04 2.24
N TRP B 220 3.34 33.08 2.13
CA TRP B 220 2.61 31.94 1.58
C TRP B 220 2.77 31.81 0.06
N THR B 221 2.80 32.92 -0.67
CA THR B 221 3.04 32.84 -2.11
C THR B 221 4.41 32.20 -2.35
N ILE B 222 5.36 32.53 -1.48
CA ILE B 222 6.67 31.93 -1.50
C ILE B 222 6.58 30.42 -1.28
N TRP B 223 6.08 30.03 -0.11
CA TRP B 223 5.92 28.61 0.20
C TRP B 223 5.25 27.83 -0.92
N ALA B 224 4.18 28.39 -1.46
CA ALA B 224 3.38 27.71 -2.47
C ALA B 224 4.09 27.62 -3.82
N ASP B 225 4.95 28.61 -4.07
CA ASP B 225 5.81 28.61 -5.24
C ASP B 225 6.84 27.49 -5.17
N PHE B 226 7.50 27.38 -4.02
CA PHE B 226 8.51 26.36 -3.81
C PHE B 226 7.87 24.96 -3.83
N ARG B 227 6.83 24.80 -3.02
CA ARG B 227 6.05 23.57 -2.99
C ARG B 227 5.63 23.16 -4.40
N LYS B 228 5.18 24.12 -5.20
CA LYS B 228 4.81 23.83 -6.58
C LYS B 228 6.04 23.41 -7.37
N ASN B 229 7.18 24.00 -7.04
CA ASN B 229 8.41 23.75 -7.78
C ASN B 229 9.14 22.46 -7.46
N CYS B 230 8.71 21.78 -6.40
CA CYS B 230 9.26 20.46 -6.12
C CYS B 230 8.27 19.36 -6.48
N GLY B 231 7.19 19.74 -7.16
CA GLY B 231 6.26 18.76 -7.73
C GLY B 231 5.03 18.46 -6.90
N ASN B 232 4.89 19.17 -5.80
CA ASN B 232 3.82 18.90 -4.85
C ASN B 232 3.97 17.51 -4.22
N PHE B 233 5.21 17.14 -3.94
CA PHE B 233 5.49 15.94 -3.16
C PHE B 233 4.61 15.90 -1.91
N SER B 234 3.95 14.76 -1.69
CA SER B 234 3.04 14.56 -0.56
C SER B 234 3.35 15.42 0.66
N GLY B 235 2.36 16.18 1.11
CA GLY B 235 2.51 17.05 2.25
C GLY B 235 2.77 16.29 3.53
N VAL B 236 2.82 14.97 3.40
CA VAL B 236 3.10 14.09 4.54
C VAL B 236 4.60 14.03 4.77
N TYR B 237 5.36 14.38 3.75
CA TYR B 237 6.82 14.40 3.83
C TYR B 237 7.36 15.81 3.58
N PHE B 238 6.86 16.44 2.52
CA PHE B 238 7.30 17.78 2.11
C PHE B 238 6.48 18.83 2.81
N GLN B 239 7.03 19.39 3.90
CA GLN B 239 6.28 20.33 4.72
C GLN B 239 6.92 21.72 4.86
N VAL B 240 6.17 22.67 5.39
CA VAL B 240 6.64 24.05 5.52
C VAL B 240 6.72 24.48 6.99
N ALA B 241 7.73 25.30 7.29
CA ALA B 241 7.92 25.87 8.62
C ALA B 241 7.74 27.37 8.58
N LEU B 242 6.97 27.91 9.52
CA LEU B 242 6.82 29.36 9.65
C LEU B 242 7.86 29.91 10.62
N THR B 243 8.31 31.13 10.37
CA THR B 243 9.30 31.77 11.22
C THR B 243 8.72 33.02 11.84
N ILE B 244 8.33 32.92 13.10
CA ILE B 244 7.76 34.05 13.82
C ILE B 244 8.83 35.03 14.33
N SER B 245 8.83 36.23 13.77
CA SER B 245 9.80 37.24 14.14
C SER B 245 9.32 38.03 15.36
N SER B 246 10.01 39.12 15.66
CA SER B 246 9.62 40.00 16.76
C SER B 246 8.41 40.83 16.36
N GLU B 247 8.49 41.47 15.19
CA GLU B 247 7.36 42.18 14.63
C GLU B 247 6.49 41.22 13.83
N LEU B 248 5.20 41.17 14.16
CA LEU B 248 4.29 40.17 13.60
C LEU B 248 3.64 40.60 12.29
N PRO B 249 3.89 39.85 11.22
CA PRO B 249 3.38 40.18 9.89
C PRO B 249 1.86 40.31 9.85
N ASP B 250 1.35 40.95 8.81
CA ASP B 250 -0.08 41.16 8.63
C ASP B 250 -0.84 39.85 8.39
N GLU B 251 -0.26 38.98 7.57
CA GLU B 251 -0.95 37.77 7.13
C GLU B 251 -0.96 36.65 8.16
N LEU B 252 -0.36 36.89 9.32
CA LEU B 252 -0.36 35.93 10.41
C LEU B 252 -1.26 36.43 11.55
N THR B 253 -1.93 37.55 11.30
CA THR B 253 -2.85 38.12 12.26
C THR B 253 -4.22 38.23 11.61
N GLU B 254 -4.25 38.78 10.40
CA GLU B 254 -5.46 38.84 9.60
C GLU B 254 -5.99 37.42 9.44
N LEU B 255 -6.98 37.06 10.26
CA LEU B 255 -7.55 35.71 10.26
C LEU B 255 -7.60 35.07 8.87
N LYS B 256 -8.42 35.64 7.98
CA LYS B 256 -8.58 35.14 6.61
C LYS B 256 -7.28 34.66 5.96
N LEU B 257 -6.20 35.41 6.21
CA LEU B 257 -4.90 35.05 5.67
C LEU B 257 -4.27 33.90 6.44
N VAL B 258 -4.24 34.01 7.77
CA VAL B 258 -3.60 32.98 8.59
C VAL B 258 -4.23 31.61 8.37
N ASP B 259 -5.50 31.57 8.00
CA ASP B 259 -6.19 30.30 7.76
C ASP B 259 -5.57 29.54 6.60
N ARG B 260 -4.82 30.24 5.76
CA ARG B 260 -4.12 29.61 4.65
C ARG B 260 -3.30 28.42 5.12
N TRP B 261 -2.63 28.57 6.27
CA TRP B 261 -1.70 27.55 6.74
C TRP B 261 -2.38 26.30 7.29
N LYS B 262 -3.69 26.38 7.49
CA LYS B 262 -4.44 25.21 7.93
C LYS B 262 -4.64 24.27 6.75
N ALA B 263 -4.45 24.81 5.54
CA ALA B 263 -4.58 24.02 4.32
C ALA B 263 -3.21 23.68 3.73
N GLU B 264 -2.15 24.00 4.46
CA GLU B 264 -0.79 23.69 4.03
C GLU B 264 -0.17 22.70 5.00
N PRO B 265 0.88 22.00 4.56
CA PRO B 265 1.54 21.01 5.42
C PRO B 265 2.39 21.67 6.52
N LEU B 266 1.75 22.44 7.39
CA LEU B 266 2.47 23.10 8.48
C LEU B 266 3.14 22.06 9.36
N ALA B 267 4.45 22.16 9.48
CA ALA B 267 5.24 21.15 10.19
C ALA B 267 5.85 21.67 11.47
N ALA B 268 6.33 22.91 11.45
CA ALA B 268 6.97 23.50 12.62
C ALA B 268 6.83 25.01 12.67
N PHE B 269 7.04 25.56 13.87
CA PHE B 269 7.10 27.01 14.09
C PHE B 269 8.51 27.39 14.51
N VAL B 270 9.15 28.24 13.72
CA VAL B 270 10.47 28.74 14.08
C VAL B 270 10.29 29.99 14.94
N ILE B 271 10.82 29.96 16.14
CA ILE B 271 10.59 31.01 17.12
C ILE B 271 11.86 31.83 17.39
N GLU B 272 11.91 33.02 16.81
CA GLU B 272 12.99 33.95 17.07
C GLU B 272 12.92 34.45 18.52
N SER B 273 14.07 34.62 19.16
CA SER B 273 14.12 35.10 20.55
C SER B 273 13.82 36.60 20.65
N GLY B 274 12.78 37.04 19.95
CA GLY B 274 12.43 38.45 19.92
C GLY B 274 11.31 38.78 20.86
N LEU B 275 11.50 38.46 22.14
CA LEU B 275 10.52 38.77 23.18
C LEU B 275 11.17 39.20 24.50
N PHE B 276 10.39 39.15 25.58
CA PHE B 276 10.85 39.55 26.89
C PHE B 276 10.68 38.42 27.92
N ALA B 284 10.61 36.18 30.69
CA ALA B 284 10.33 35.34 29.53
C ALA B 284 8.85 35.37 29.19
N SER B 285 8.49 36.18 28.20
CA SER B 285 7.08 36.39 27.86
C SER B 285 6.78 36.38 26.36
N ILE B 286 5.48 36.42 26.04
CA ILE B 286 5.00 36.39 24.67
C ILE B 286 3.79 37.32 24.51
N PRO B 287 3.85 38.23 23.53
CA PRO B 287 2.81 39.24 23.30
C PRO B 287 1.47 38.67 22.84
N SER B 288 0.41 39.44 23.04
CA SER B 288 -0.96 39.03 22.73
C SER B 288 -1.13 38.39 21.35
N ALA B 289 -0.74 39.12 20.31
CA ALA B 289 -0.88 38.63 18.94
C ALA B 289 -0.06 37.37 18.71
N HIS B 290 1.16 37.36 19.26
CA HIS B 290 1.99 36.16 19.22
C HIS B 290 1.18 34.97 19.71
N ILE B 291 0.61 35.10 20.90
CA ILE B 291 -0.17 34.03 21.51
C ILE B 291 -1.36 33.61 20.64
N ASN B 292 -2.16 34.58 20.24
CA ASN B 292 -3.35 34.28 19.44
C ASN B 292 -3.03 33.59 18.12
N LEU B 293 -1.90 33.95 17.53
CA LEU B 293 -1.43 33.28 16.33
C LEU B 293 -1.00 31.85 16.64
N LEU B 294 -0.04 31.70 17.54
CA LEU B 294 0.49 30.38 17.89
C LEU B 294 -0.60 29.38 18.27
N LYS B 295 -1.64 29.86 18.94
CA LYS B 295 -2.77 28.98 19.23
C LYS B 295 -3.57 28.74 17.95
N HIS B 296 -3.88 29.83 17.25
CA HIS B 296 -4.76 29.76 16.08
C HIS B 296 -4.36 28.71 15.04
N LEU B 297 -3.06 28.51 14.83
CA LEU B 297 -2.60 27.58 13.81
C LEU B 297 -2.10 26.25 14.37
N TRP B 298 -2.15 26.11 15.68
CA TRP B 298 -1.74 24.86 16.33
C TRP B 298 -2.92 23.91 16.44
N THR B 299 -3.09 23.07 15.42
CA THR B 299 -4.24 22.18 15.31
C THR B 299 -3.92 20.78 15.83
N THR B 300 -2.75 20.27 15.49
CA THR B 300 -2.30 18.96 15.93
C THR B 300 -1.20 19.14 16.96
N ASP B 301 -0.91 18.08 17.70
CA ASP B 301 0.21 18.10 18.65
C ASP B 301 1.42 17.44 18.01
N ALA B 302 1.27 17.01 16.77
CA ALA B 302 2.36 16.47 15.99
C ALA B 302 3.27 17.61 15.52
N LEU B 303 2.73 18.82 15.56
CA LEU B 303 3.51 20.02 15.30
C LEU B 303 4.78 20.00 16.14
N ARG B 304 5.83 20.64 15.63
CA ARG B 304 7.06 20.82 16.40
C ARG B 304 7.40 22.30 16.45
N ILE B 305 8.18 22.70 17.45
CA ILE B 305 8.60 24.09 17.59
C ILE B 305 10.05 24.23 18.01
N VAL B 306 10.81 24.98 17.20
CA VAL B 306 12.24 25.11 17.39
C VAL B 306 12.64 26.48 17.94
N LEU B 307 13.61 26.49 18.85
CA LEU B 307 14.09 27.73 19.44
C LEU B 307 15.17 28.38 18.58
N ARG B 308 14.98 29.65 18.27
CA ARG B 308 15.91 30.38 17.43
C ARG B 308 16.66 31.42 18.23
N ALA B 309 17.94 31.14 18.51
CA ALA B 309 18.78 32.07 19.26
C ALA B 309 19.10 33.31 18.43
N THR B 310 18.35 34.38 18.65
CA THR B 310 18.53 35.61 17.87
C THR B 310 19.07 36.80 18.67
N THR B 311 18.35 37.23 19.69
CA THR B 311 18.66 38.48 20.37
C THR B 311 19.86 38.40 21.34
N ASP B 312 19.72 37.60 22.39
CA ASP B 312 20.74 37.49 23.43
C ASP B 312 22.06 36.92 22.89
N THR B 313 23.12 37.71 22.96
CA THR B 313 24.48 37.21 22.70
C THR B 313 24.61 35.87 23.43
N PHE B 314 24.01 35.82 24.61
CA PHE B 314 23.77 34.59 25.34
C PHE B 314 22.74 34.91 26.39
N LYS B 315 21.98 33.92 26.84
CA LYS B 315 20.99 34.17 27.88
C LYS B 315 21.71 34.54 29.16
N TYR B 316 21.43 35.73 29.67
CA TYR B 316 22.07 36.23 30.89
C TYR B 316 22.06 35.16 31.98
N ASN B 317 20.88 34.62 32.25
CA ASN B 317 20.76 33.47 33.13
C ASN B 317 20.56 32.23 32.26
N THR B 318 21.46 31.26 32.39
CA THR B 318 21.39 30.05 31.59
C THR B 318 20.01 29.41 31.76
N SER B 319 19.40 29.65 32.91
CA SER B 319 18.08 29.11 33.21
C SER B 319 17.02 29.68 32.28
N ILE B 320 17.30 30.85 31.71
CA ILE B 320 16.41 31.49 30.74
C ILE B 320 16.30 30.64 29.47
N LYS B 321 17.42 30.00 29.12
CA LYS B 321 17.44 29.05 28.01
C LYS B 321 16.29 28.07 28.17
N SER B 322 15.90 27.80 29.41
CA SER B 322 14.78 26.91 29.73
C SER B 322 13.49 27.70 29.85
N GLU B 323 13.58 28.89 30.43
CA GLU B 323 12.41 29.77 30.54
C GLU B 323 11.70 29.88 29.19
N TYR B 324 12.48 29.85 28.12
CA TYR B 324 11.91 29.95 26.77
C TYR B 324 11.08 28.73 26.37
N SER B 325 11.71 27.56 26.34
CA SER B 325 10.98 26.32 26.06
C SER B 325 9.73 26.22 26.92
N GLN B 326 9.94 26.28 28.24
CA GLN B 326 8.85 26.17 29.20
C GLN B 326 7.72 27.14 28.85
N ALA B 327 8.08 28.40 28.68
CA ALA B 327 7.11 29.45 28.38
C ALA B 327 6.33 29.14 27.10
N LEU B 328 7.01 28.60 26.10
CA LEU B 328 6.37 28.23 24.85
C LEU B 328 5.34 27.14 25.07
N ARG B 329 5.72 26.09 25.80
CA ARG B 329 4.76 25.01 26.10
C ARG B 329 3.48 25.55 26.74
N HIS B 330 3.62 26.60 27.56
CA HIS B 330 2.44 27.25 28.15
C HIS B 330 1.54 27.84 27.08
N ALA B 331 1.87 27.54 25.82
CA ALA B 331 1.15 28.04 24.65
C ALA B 331 -0.35 28.21 24.89
N GLN B 384 27.80 -5.17 13.45
CA GLN B 384 26.75 -6.03 13.99
C GLN B 384 26.99 -7.49 13.66
N ASP B 385 27.45 -7.76 12.44
CA ASP B 385 27.78 -9.12 12.04
C ASP B 385 29.18 -9.49 12.53
N GLN B 386 29.28 -9.80 13.82
CA GLN B 386 30.55 -10.09 14.46
C GLN B 386 31.40 -11.12 13.72
N ILE B 387 30.77 -12.17 13.21
CA ILE B 387 31.48 -13.32 12.69
C ILE B 387 32.27 -13.08 11.40
N LYS B 388 31.74 -12.25 10.51
CA LYS B 388 32.43 -11.91 9.28
C LYS B 388 33.80 -11.31 9.63
N TYR B 389 33.77 -10.29 10.48
CA TYR B 389 34.98 -9.64 10.95
C TYR B 389 35.90 -10.62 11.67
N ASP B 390 35.36 -11.33 12.65
CA ASP B 390 36.14 -12.36 13.34
C ASP B 390 36.91 -13.23 12.35
N VAL B 391 36.19 -14.00 11.55
CA VAL B 391 36.79 -14.86 10.54
C VAL B 391 37.85 -14.14 9.71
N TYR B 392 37.60 -12.88 9.38
CA TYR B 392 38.59 -12.09 8.65
C TYR B 392 39.88 -11.97 9.46
N GLY B 393 39.75 -11.66 10.74
CA GLY B 393 40.88 -11.57 11.64
C GLY B 393 41.64 -12.88 11.73
N GLU B 394 40.90 -13.99 11.65
CA GLU B 394 41.52 -15.31 11.66
C GLU B 394 42.36 -15.54 10.41
N ALA B 395 41.79 -15.22 9.25
CA ALA B 395 42.52 -15.36 7.99
C ALA B 395 43.74 -14.44 7.96
N VAL B 396 43.63 -13.29 8.61
CA VAL B 396 44.72 -12.33 8.68
C VAL B 396 45.86 -12.83 9.55
N VAL B 397 45.53 -13.24 10.77
CA VAL B 397 46.55 -13.82 11.64
C VAL B 397 47.22 -14.98 10.92
N GLY B 398 46.43 -15.75 10.18
CA GLY B 398 46.98 -16.84 9.38
C GLY B 398 47.96 -16.35 8.33
N ALA B 399 47.64 -15.24 7.68
CA ALA B 399 48.49 -14.69 6.63
C ALA B 399 49.78 -14.10 7.20
N LEU B 400 49.73 -13.62 8.44
CA LEU B 400 50.91 -13.07 9.10
C LEU B 400 51.77 -14.19 9.69
N LYS B 401 51.14 -15.32 9.98
CA LYS B 401 51.89 -16.53 10.30
C LYS B 401 52.68 -16.92 9.07
N ASP B 402 51.97 -17.16 7.97
CA ASP B 402 52.61 -17.55 6.71
C ASP B 402 53.73 -16.60 6.28
N LEU B 403 53.37 -15.35 5.97
CA LEU B 403 54.33 -14.38 5.45
C LEU B 403 55.34 -13.93 6.50
N GLY B 404 54.91 -13.88 7.76
CA GLY B 404 55.78 -13.47 8.84
C GLY B 404 56.89 -14.47 9.10
N ALA B 405 56.55 -15.75 9.10
CA ALA B 405 57.51 -16.81 9.33
C ALA B 405 58.80 -16.58 8.55
N ASP B 406 58.66 -16.00 7.36
CA ASP B 406 59.80 -15.67 6.52
C ASP B 406 60.95 -15.13 7.35
N GLY B 407 60.72 -14.01 8.02
CA GLY B 407 61.73 -13.42 8.88
C GLY B 407 61.72 -11.91 8.90
N ARG B 408 60.77 -11.30 8.19
CA ARG B 408 60.71 -9.85 8.12
C ARG B 408 60.15 -9.24 9.40
N LYS B 409 60.14 -7.92 9.47
CA LYS B 409 59.72 -7.21 10.68
C LYS B 409 58.69 -6.13 10.39
N THR B 410 58.06 -6.20 9.22
CA THR B 410 57.05 -5.22 8.82
C THR B 410 56.36 -5.62 7.52
N VAL B 411 55.03 -5.59 7.50
CA VAL B 411 54.27 -5.95 6.31
C VAL B 411 53.16 -4.94 6.00
N VAL B 412 53.07 -4.54 4.73
CA VAL B 412 52.09 -3.54 4.29
C VAL B 412 50.85 -4.18 3.62
N ILE B 413 49.68 -3.94 4.21
CA ILE B 413 48.44 -4.49 3.67
C ILE B 413 47.44 -3.42 3.25
N TYR B 414 46.81 -3.63 2.10
CA TYR B 414 45.81 -2.71 1.58
C TYR B 414 44.38 -3.21 1.79
N LEU B 415 43.65 -2.57 2.71
CA LEU B 415 42.21 -2.77 2.82
C LEU B 415 41.50 -1.99 1.72
N LEU B 416 40.97 -2.71 0.73
CA LEU B 416 40.35 -2.07 -0.42
C LEU B 416 38.84 -1.90 -0.24
N GLY B 417 38.44 -0.84 0.45
CA GLY B 417 37.05 -0.62 0.80
C GLY B 417 36.88 -0.70 2.31
N GLY B 418 37.26 0.38 2.99
CA GLY B 418 37.20 0.42 4.44
C GLY B 418 35.78 0.37 4.96
N GLY B 419 34.89 1.03 4.24
CA GLY B 419 33.52 1.20 4.70
C GLY B 419 33.56 2.15 5.88
N ARG B 420 33.11 1.67 7.04
CA ARG B 420 33.32 2.41 8.26
C ARG B 420 34.50 1.80 9.01
N GLY B 421 35.13 0.81 8.38
CA GLY B 421 36.44 0.33 8.78
C GLY B 421 36.62 -0.78 9.80
N PRO B 422 35.55 -1.53 10.12
CA PRO B 422 35.73 -2.55 11.16
C PRO B 422 36.81 -3.57 10.79
N ILE B 423 36.86 -3.90 9.51
CA ILE B 423 37.85 -4.83 8.98
C ILE B 423 39.26 -4.26 9.19
N GLY B 424 39.35 -2.94 9.24
CA GLY B 424 40.61 -2.27 9.54
C GLY B 424 41.04 -2.48 10.98
N THR B 425 40.21 -2.06 11.93
CA THR B 425 40.50 -2.26 13.35
C THR B 425 40.75 -3.74 13.62
N LYS B 426 40.22 -4.59 12.74
CA LYS B 426 40.48 -6.02 12.88
C LYS B 426 41.87 -6.37 12.34
N ILE B 427 42.29 -5.72 11.26
CA ILE B 427 43.64 -5.90 10.77
C ILE B 427 44.65 -5.51 11.85
N LEU B 428 44.40 -4.38 12.49
CA LEU B 428 45.32 -3.84 13.49
C LEU B 428 45.17 -4.46 14.87
N LYS B 429 44.05 -5.15 15.10
CA LYS B 429 43.88 -5.89 16.34
C LYS B 429 44.33 -7.34 16.15
N SER B 430 44.60 -7.70 14.89
CA SER B 430 45.12 -9.02 14.56
C SER B 430 46.63 -8.98 14.38
N GLU B 431 47.15 -7.81 14.01
CA GLU B 431 48.59 -7.59 14.00
C GLU B 431 49.05 -7.40 15.43
N ARG B 432 48.17 -6.80 16.23
CA ARG B 432 48.44 -6.58 17.64
C ARG B 432 48.57 -7.91 18.37
N GLU B 433 47.80 -8.90 17.91
CA GLU B 433 47.74 -10.19 18.59
C GLU B 433 48.59 -11.27 17.92
N TYR B 434 49.38 -10.88 16.94
CA TYR B 434 50.30 -11.81 16.29
C TYR B 434 51.69 -11.72 16.91
N ASN B 435 52.09 -10.51 17.28
CA ASN B 435 53.42 -10.25 17.82
C ASN B 435 53.65 -10.92 19.18
N ASN B 436 52.69 -11.72 19.61
CA ASN B 436 52.78 -12.37 20.91
C ASN B 436 52.67 -13.89 20.82
N THR B 437 51.92 -14.38 19.85
CA THR B 437 51.74 -15.82 19.68
C THR B 437 52.85 -16.43 18.83
N PHE B 438 53.31 -15.67 17.84
CA PHE B 438 54.32 -16.17 16.91
C PHE B 438 55.58 -15.30 16.91
N ARG B 439 55.53 -14.18 17.62
CA ARG B 439 56.68 -13.29 17.73
C ARG B 439 56.60 -12.37 18.94
N SER B 444 60.04 -9.07 15.76
CA SER B 444 58.65 -8.63 15.67
C SER B 444 58.21 -8.54 14.22
N LEU B 445 56.93 -8.19 14.02
CA LEU B 445 56.39 -8.01 12.68
C LEU B 445 55.31 -6.94 12.68
N LYS B 446 55.73 -5.68 12.64
CA LYS B 446 54.81 -4.56 12.59
C LYS B 446 54.00 -4.63 11.29
N VAL B 447 52.86 -3.95 11.27
CA VAL B 447 52.01 -3.93 10.08
C VAL B 447 51.58 -2.53 9.68
N LYS B 448 51.86 -2.17 8.43
CA LYS B 448 51.50 -0.88 7.87
C LYS B 448 50.22 -1.03 7.06
N LEU B 449 49.18 -0.28 7.44
CA LEU B 449 47.86 -0.43 6.85
C LEU B 449 47.50 0.72 5.90
N TYR B 450 46.96 0.36 4.73
CA TYR B 450 46.45 1.34 3.77
C TYR B 450 44.98 1.07 3.49
N ILE B 451 44.11 1.91 4.01
CA ILE B 451 42.66 1.76 3.82
C ILE B 451 42.11 2.64 2.70
N VAL B 452 41.95 2.05 1.52
CA VAL B 452 41.41 2.78 0.37
C VAL B 452 39.87 2.81 0.40
N GLU B 453 39.30 3.94 0.01
CA GLU B 453 37.84 4.09 0.00
C GLU B 453 37.39 5.21 -0.94
N LYS B 454 36.23 5.04 -1.57
CA LYS B 454 35.73 6.04 -2.49
C LYS B 454 34.56 6.85 -1.92
N ASN B 455 33.78 6.23 -1.02
CA ASN B 455 32.66 6.94 -0.40
C ASN B 455 33.12 8.09 0.47
N PRO B 456 32.90 9.33 -0.02
CA PRO B 456 33.35 10.58 0.60
C PRO B 456 32.73 10.83 1.98
N ASN B 457 31.54 10.31 2.21
CA ASN B 457 30.88 10.47 3.51
C ASN B 457 31.49 9.50 4.52
N ALA B 458 31.94 8.36 4.02
CA ALA B 458 32.55 7.34 4.87
C ALA B 458 33.94 7.80 5.32
N ILE B 459 34.64 8.47 4.43
CA ILE B 459 35.94 9.04 4.73
C ILE B 459 35.91 9.82 6.06
N VAL B 460 34.80 10.50 6.31
CA VAL B 460 34.63 11.21 7.57
C VAL B 460 34.74 10.23 8.74
N THR B 461 34.07 9.11 8.59
CA THR B 461 34.08 8.06 9.59
C THR B 461 35.47 7.43 9.78
N LEU B 462 36.21 7.32 8.67
CA LEU B 462 37.55 6.74 8.71
C LEU B 462 38.61 7.73 9.23
N LYS B 463 38.30 9.02 9.20
CA LYS B 463 39.16 10.03 9.80
C LYS B 463 38.91 10.04 11.30
N TYR B 464 37.65 10.24 11.69
CA TYR B 464 37.30 10.25 13.09
C TYR B 464 37.70 8.92 13.74
N MET B 465 37.77 7.87 12.92
CA MET B 465 38.19 6.57 13.41
C MET B 465 39.70 6.49 13.51
N ASN B 466 40.39 6.91 12.45
CA ASN B 466 41.86 6.94 12.44
C ASN B 466 42.40 7.86 13.53
N VAL B 467 41.53 8.67 14.12
CA VAL B 467 41.92 9.55 15.21
C VAL B 467 41.53 8.97 16.57
N ARG B 468 40.25 8.61 16.71
CA ARG B 468 39.76 8.12 17.99
C ARG B 468 40.09 6.65 18.25
N THR B 469 40.81 6.02 17.33
CA THR B 469 41.10 4.60 17.46
C THR B 469 42.52 4.21 17.01
N TRP B 470 42.84 4.49 15.76
CA TRP B 470 44.04 3.96 15.12
C TRP B 470 45.33 4.70 15.42
N LYS B 471 45.23 5.78 16.20
CA LYS B 471 46.39 6.62 16.46
C LYS B 471 47.14 6.95 15.17
N ARG B 472 46.39 7.40 14.17
CA ARG B 472 46.93 7.83 12.89
C ARG B 472 47.95 6.87 12.27
N ARG B 473 47.90 5.61 12.70
CA ARG B 473 48.84 4.60 12.22
C ARG B 473 48.48 4.06 10.83
N VAL B 474 47.36 4.52 10.30
CA VAL B 474 46.90 4.07 8.98
C VAL B 474 46.63 5.24 8.06
N THR B 475 47.15 5.16 6.84
CA THR B 475 46.96 6.21 5.86
C THR B 475 45.69 5.99 5.04
N ILE B 476 44.67 6.80 5.33
CA ILE B 476 43.41 6.75 4.60
C ILE B 476 43.64 7.20 3.18
N ILE B 477 42.88 6.65 2.25
CA ILE B 477 43.01 7.07 0.85
C ILE B 477 41.66 7.09 0.14
N GLU B 478 41.12 8.29 -0.02
CA GLU B 478 39.83 8.49 -0.66
C GLU B 478 39.96 8.49 -2.17
N SER B 479 40.00 7.29 -2.75
CA SER B 479 40.03 7.14 -4.19
C SER B 479 39.44 5.79 -4.59
N ASP B 480 38.72 5.77 -5.70
CA ASP B 480 38.29 4.51 -6.29
C ASP B 480 39.49 3.57 -6.33
N MET B 481 39.31 2.37 -5.78
CA MET B 481 40.37 1.37 -5.71
C MET B 481 40.67 0.80 -7.09
N ARG B 482 40.56 1.66 -8.10
CA ARG B 482 40.68 1.23 -9.49
C ARG B 482 41.70 2.09 -10.24
N SER B 483 42.00 3.25 -9.67
CA SER B 483 43.00 4.16 -10.24
C SER B 483 44.10 4.40 -9.21
N LEU B 484 44.12 3.56 -8.18
CA LEU B 484 45.17 3.56 -7.17
C LEU B 484 46.56 3.28 -7.76
N PRO B 485 46.63 2.44 -8.80
CA PRO B 485 47.94 2.21 -9.43
C PRO B 485 48.67 3.49 -9.80
N GLY B 486 47.93 4.47 -10.33
CA GLY B 486 48.53 5.73 -10.75
C GLY B 486 48.85 6.64 -9.58
N ILE B 487 47.97 6.64 -8.57
CA ILE B 487 48.17 7.45 -7.38
C ILE B 487 49.09 6.73 -6.41
N ALA B 488 49.72 5.66 -6.88
CA ALA B 488 50.59 4.85 -6.04
C ALA B 488 51.99 5.42 -5.97
N LYS B 489 52.36 6.23 -6.96
CA LYS B 489 53.66 6.88 -6.98
C LYS B 489 53.56 8.35 -6.61
N ASP B 490 52.58 9.04 -7.19
CA ASP B 490 52.42 10.47 -6.94
C ASP B 490 52.38 10.78 -5.45
N ARG B 491 51.91 9.82 -4.66
CA ARG B 491 51.82 10.00 -3.22
C ARG B 491 52.76 9.04 -2.47
N GLY B 492 53.80 8.61 -3.17
CA GLY B 492 54.87 7.83 -2.58
C GLY B 492 54.44 6.59 -1.81
N PHE B 493 53.68 5.72 -2.47
CA PHE B 493 53.20 4.48 -1.86
C PHE B 493 54.11 3.30 -2.21
N GLU B 494 53.68 2.09 -1.86
CA GLU B 494 54.49 0.89 -2.05
C GLU B 494 53.64 -0.30 -2.48
N GLN B 495 54.23 -1.21 -3.25
CA GLN B 495 53.55 -2.44 -3.65
C GLN B 495 53.08 -3.24 -2.43
N PRO B 496 51.89 -3.86 -2.54
CA PRO B 496 51.28 -4.60 -1.43
C PRO B 496 51.73 -6.06 -1.37
N ASP B 497 51.98 -6.55 -0.16
CA ASP B 497 52.29 -7.96 0.03
C ASP B 497 50.97 -8.71 0.12
N ILE B 498 49.96 -8.06 0.69
CA ILE B 498 48.61 -8.59 0.77
C ILE B 498 47.58 -7.49 0.58
N ILE B 499 46.48 -7.80 -0.10
CA ILE B 499 45.36 -6.87 -0.23
C ILE B 499 44.07 -7.47 0.30
N VAL B 500 43.56 -6.89 1.38
CA VAL B 500 42.35 -7.38 2.03
C VAL B 500 41.09 -6.66 1.50
N SER B 501 40.16 -7.42 0.95
CA SER B 501 38.95 -6.83 0.38
C SER B 501 37.68 -7.53 0.84
N GLU B 502 36.54 -6.93 0.50
CA GLU B 502 35.23 -7.54 0.74
C GLU B 502 34.17 -6.84 -0.11
N LEU B 503 34.04 -7.28 -1.35
CA LEU B 503 33.10 -6.64 -2.29
C LEU B 503 32.18 -7.70 -2.86
N LEU B 504 31.70 -8.56 -1.98
CA LEU B 504 30.87 -9.68 -2.38
C LEU B 504 29.43 -9.53 -1.89
N GLY B 505 28.50 -10.11 -2.62
CA GLY B 505 27.11 -10.09 -2.21
C GLY B 505 26.59 -11.48 -1.85
N SER B 506 25.28 -11.60 -1.69
CA SER B 506 24.65 -12.85 -1.29
C SER B 506 24.71 -13.90 -2.40
N PHE B 507 25.11 -13.48 -3.59
CA PHE B 507 25.31 -14.40 -4.70
C PHE B 507 26.79 -14.40 -5.06
N GLY B 508 27.59 -13.83 -4.17
CA GLY B 508 29.03 -13.78 -4.33
C GLY B 508 29.47 -12.65 -5.24
N ASP B 509 29.61 -12.97 -6.53
CA ASP B 509 30.11 -12.03 -7.52
C ASP B 509 29.08 -10.96 -7.87
N ASN B 510 27.90 -11.04 -7.26
CA ASN B 510 26.80 -10.13 -7.59
C ASN B 510 27.05 -8.65 -7.28
N GLU B 511 28.19 -8.34 -6.65
CA GLU B 511 28.49 -6.95 -6.32
C GLU B 511 29.72 -6.40 -7.03
N LEU B 512 30.34 -7.22 -7.89
CA LEU B 512 31.35 -6.77 -8.84
C LEU B 512 32.79 -6.88 -8.36
N SER B 513 33.02 -7.69 -7.33
CA SER B 513 34.36 -7.85 -6.77
C SER B 513 35.45 -8.01 -7.84
N PRO B 514 35.27 -8.96 -8.78
CA PRO B 514 36.28 -9.30 -9.79
C PRO B 514 36.78 -8.11 -10.60
N GLU B 515 35.88 -7.21 -11.00
CA GLU B 515 36.26 -6.11 -11.88
C GLU B 515 37.15 -5.07 -11.20
N CYS B 516 36.76 -4.66 -10.00
CA CYS B 516 37.53 -3.69 -9.23
C CYS B 516 38.86 -4.28 -8.75
N LEU B 517 38.82 -5.49 -8.20
CA LEU B 517 40.07 -6.14 -7.83
C LEU B 517 40.99 -6.24 -9.06
N ASP B 518 40.42 -6.60 -10.20
CA ASP B 518 41.17 -6.62 -11.46
C ASP B 518 41.67 -5.22 -11.81
N GLY B 519 41.06 -4.20 -11.20
CA GLY B 519 41.56 -2.85 -11.32
C GLY B 519 42.82 -2.65 -10.51
N VAL B 520 42.82 -3.18 -9.28
CA VAL B 520 44.00 -3.13 -8.41
C VAL B 520 45.15 -4.00 -8.93
N THR B 521 44.83 -5.01 -9.73
CA THR B 521 45.83 -5.92 -10.31
C THR B 521 47.00 -5.19 -10.95
N GLY B 522 46.81 -3.92 -11.29
CA GLY B 522 47.80 -3.14 -12.01
C GLY B 522 49.20 -3.08 -11.43
N PHE B 523 49.31 -2.72 -10.15
CA PHE B 523 50.63 -2.49 -9.56
C PHE B 523 51.04 -3.58 -8.57
N LEU B 524 50.22 -4.62 -8.45
CA LEU B 524 50.47 -5.70 -7.51
C LEU B 524 51.81 -6.39 -7.75
N LYS B 525 52.49 -6.72 -6.66
CA LYS B 525 53.67 -7.55 -6.74
C LYS B 525 53.26 -8.95 -7.18
N PRO B 526 54.20 -9.75 -7.67
CA PRO B 526 53.90 -11.15 -7.97
C PRO B 526 53.59 -11.91 -6.70
N THR B 527 54.05 -11.39 -5.57
CA THR B 527 53.96 -12.09 -4.30
C THR B 527 52.69 -11.74 -3.52
N THR B 528 51.83 -10.93 -4.12
CA THR B 528 50.62 -10.47 -3.45
C THR B 528 49.54 -11.55 -3.40
N ILE B 529 49.22 -11.99 -2.19
CA ILE B 529 48.12 -12.94 -2.01
C ILE B 529 46.83 -12.18 -1.75
N SER B 530 45.79 -12.52 -2.51
CA SER B 530 44.51 -11.86 -2.36
C SER B 530 43.71 -12.51 -1.23
N ILE B 531 43.33 -11.69 -0.26
CA ILE B 531 42.35 -12.11 0.74
C ILE B 531 41.06 -11.33 0.46
N PRO B 532 40.05 -12.01 -0.10
CA PRO B 532 40.04 -13.46 -0.29
C PRO B 532 40.68 -13.89 -1.61
N GLN B 533 41.16 -15.13 -1.64
CA GLN B 533 41.81 -15.66 -2.82
C GLN B 533 40.79 -16.03 -3.88
N LYS B 534 39.73 -16.73 -3.48
CA LYS B 534 38.80 -17.26 -4.45
C LYS B 534 37.36 -17.15 -3.99
N TYR B 535 36.43 -17.23 -4.94
CA TYR B 535 35.03 -17.54 -4.60
C TYR B 535 34.30 -18.34 -5.68
N THR B 536 33.17 -18.93 -5.30
CA THR B 536 32.32 -19.65 -6.25
C THR B 536 30.84 -19.47 -5.90
N SER B 537 29.97 -19.38 -6.91
CA SER B 537 28.54 -19.21 -6.63
C SER B 537 27.77 -20.52 -6.77
N TYR B 538 26.66 -20.61 -6.05
CA TYR B 538 25.82 -21.81 -6.05
C TYR B 538 24.33 -21.53 -6.24
N VAL B 539 23.53 -22.59 -6.31
CA VAL B 539 22.14 -22.47 -6.73
C VAL B 539 21.30 -23.71 -6.41
N LYS B 540 20.07 -23.50 -5.96
CA LYS B 540 19.23 -24.58 -5.43
C LYS B 540 17.73 -24.38 -5.75
N PRO B 541 17.18 -25.25 -6.62
CA PRO B 541 15.78 -25.20 -7.07
C PRO B 541 14.78 -25.12 -5.92
N ILE B 542 13.82 -24.22 -6.05
CA ILE B 542 12.87 -23.94 -4.98
C ILE B 542 11.42 -23.90 -5.42
N MET B 543 10.53 -24.11 -4.47
CA MET B 543 9.09 -24.01 -4.69
C MET B 543 8.43 -23.24 -3.58
N SER B 544 7.66 -22.22 -3.96
CA SER B 544 6.92 -21.41 -3.02
C SER B 544 6.01 -20.48 -3.77
N THR B 545 4.70 -20.63 -3.58
CA THR B 545 3.78 -19.66 -4.17
C THR B 545 4.18 -18.33 -3.57
N HIS B 546 4.11 -18.24 -2.25
CA HIS B 546 4.37 -17.00 -1.52
C HIS B 546 5.46 -16.11 -2.12
N ILE B 547 6.64 -16.66 -2.34
CA ILE B 547 7.73 -15.85 -2.85
C ILE B 547 7.38 -15.31 -4.24
N HIS B 548 7.12 -16.20 -5.18
CA HIS B 548 6.76 -15.84 -6.54
C HIS B 548 5.64 -14.77 -6.61
N GLN B 549 4.54 -15.05 -5.91
CA GLN B 549 3.42 -14.12 -5.84
C GLN B 549 3.89 -12.76 -5.33
N THR B 550 4.71 -12.79 -4.28
CA THR B 550 5.20 -11.55 -3.68
C THR B 550 6.08 -10.73 -4.63
N ILE B 551 6.91 -11.41 -5.41
CA ILE B 551 7.77 -10.73 -6.37
C ILE B 551 6.95 -10.15 -7.52
N LYS B 552 5.95 -10.90 -7.95
CA LYS B 552 5.13 -10.51 -9.09
C LYS B 552 4.23 -9.34 -8.72
N ALA B 553 3.76 -9.34 -7.48
CA ALA B 553 2.84 -8.30 -7.00
C ALA B 553 3.51 -6.97 -6.65
N GLN B 554 4.83 -6.93 -6.68
CA GLN B 554 5.55 -5.69 -6.42
C GLN B 554 4.95 -4.57 -7.25
N SER B 555 4.54 -3.50 -6.59
CA SER B 555 3.95 -2.35 -7.28
C SER B 555 4.64 -1.05 -6.90
N ILE B 556 4.69 -0.12 -7.84
CA ILE B 556 5.21 1.23 -7.61
C ILE B 556 4.09 2.23 -7.47
N PRO B 557 3.86 2.75 -6.26
CA PRO B 557 2.84 3.78 -6.05
C PRO B 557 3.28 5.14 -6.60
N TYR B 558 2.38 6.13 -6.59
CA TYR B 558 2.66 7.42 -7.19
C TYR B 558 3.93 8.07 -6.64
N LEU B 559 4.05 8.10 -5.32
CA LEU B 559 5.19 8.73 -4.69
C LEU B 559 6.52 8.02 -4.97
N SER B 560 6.46 6.84 -5.59
CA SER B 560 7.69 6.14 -5.92
C SER B 560 7.93 6.04 -7.43
N ARG B 561 7.16 6.82 -8.20
CA ARG B 561 7.20 6.78 -9.66
C ARG B 561 8.57 7.09 -10.26
N ALA B 562 9.42 7.80 -9.50
CA ALA B 562 10.70 8.26 -10.00
C ALA B 562 11.91 7.54 -9.42
N ILE B 563 11.71 6.52 -8.59
CA ILE B 563 12.84 5.74 -8.11
C ILE B 563 13.52 5.06 -9.30
N PRO B 564 14.85 5.19 -9.40
CA PRO B 564 15.57 4.63 -10.56
C PRO B 564 15.42 3.10 -10.63
N SER B 565 15.58 2.56 -11.84
CA SER B 565 15.46 1.12 -12.01
C SER B 565 16.74 0.44 -11.57
N HIS B 566 16.70 -0.89 -11.51
CA HIS B 566 17.87 -1.66 -11.18
C HIS B 566 18.63 -2.04 -12.43
N GLY B 567 18.22 -1.51 -13.57
CA GLY B 567 18.83 -1.88 -14.84
C GLY B 567 19.60 -0.75 -15.48
N ARG B 568 19.54 -0.67 -16.81
CA ARG B 568 20.23 0.37 -17.55
C ARG B 568 19.50 1.69 -17.45
N GLY B 569 18.20 1.61 -17.18
CA GLY B 569 17.38 2.81 -17.19
C GLY B 569 17.61 3.73 -16.02
N GLU B 570 17.43 5.02 -16.27
CA GLU B 570 17.44 6.01 -15.21
C GLU B 570 16.23 6.94 -15.36
N PRO B 571 15.79 7.55 -14.25
CA PRO B 571 14.67 8.50 -14.28
C PRO B 571 14.75 9.53 -15.41
N GLU B 572 13.62 10.16 -15.72
CA GLU B 572 13.56 11.16 -16.78
C GLU B 572 12.36 12.07 -16.59
N LEU B 573 12.45 13.30 -17.10
CA LEU B 573 11.35 14.23 -17.01
C LEU B 573 10.21 13.86 -17.99
N ASP B 574 8.97 13.86 -17.49
CA ASP B 574 7.81 13.55 -18.32
C ASP B 574 7.23 14.83 -18.92
N GLU B 575 6.03 14.74 -19.49
CA GLU B 575 5.42 15.85 -20.20
C GLU B 575 5.03 16.98 -19.26
N ASP B 576 4.95 16.66 -17.96
CA ASP B 576 4.63 17.67 -16.95
C ASP B 576 5.87 18.11 -16.17
N GLU B 577 7.05 17.90 -16.75
CA GLU B 577 8.29 18.17 -16.05
C GLU B 577 8.29 17.50 -14.68
N MET B 578 7.92 16.23 -14.65
CA MET B 578 7.93 15.45 -13.42
C MET B 578 8.81 14.24 -13.61
N TRP B 579 9.69 13.97 -12.65
CA TRP B 579 10.58 12.81 -12.76
C TRP B 579 9.85 11.46 -12.74
N ILE B 580 10.21 10.60 -13.69
CA ILE B 580 9.57 9.29 -13.83
C ILE B 580 10.55 8.20 -14.29
N GLN B 581 10.48 7.03 -13.67
CA GLN B 581 11.28 5.91 -14.13
C GLN B 581 10.44 4.97 -14.97
N LYS B 582 10.64 5.02 -16.28
CA LYS B 582 9.85 4.20 -17.20
C LYS B 582 10.37 2.77 -17.27
N TYR B 583 9.45 1.82 -17.42
CA TYR B 583 9.83 0.41 -17.55
C TYR B 583 9.28 -0.18 -18.82
N PRO B 584 9.93 0.11 -19.95
CA PRO B 584 9.36 -0.20 -21.27
C PRO B 584 9.25 -1.71 -21.50
N GLN B 585 9.91 -2.53 -20.69
CA GLN B 585 9.79 -3.98 -20.80
C GLN B 585 8.58 -4.50 -20.02
N GLY B 586 7.96 -3.62 -19.25
CA GLY B 586 6.76 -3.97 -18.50
C GLY B 586 7.05 -4.13 -17.02
N HIS B 587 6.10 -3.74 -16.19
CA HIS B 587 6.32 -3.81 -14.75
C HIS B 587 6.59 -5.24 -14.28
N VAL B 588 5.80 -6.19 -14.76
CA VAL B 588 5.96 -7.58 -14.33
C VAL B 588 7.30 -8.15 -14.76
N ARG B 589 7.64 -8.00 -16.04
CA ARG B 589 8.92 -8.46 -16.55
C ARG B 589 10.06 -7.86 -15.73
N ASN B 590 10.05 -6.55 -15.55
CA ASN B 590 11.02 -5.89 -14.69
C ASN B 590 11.06 -6.49 -13.29
N ASN B 591 9.91 -6.98 -12.82
CA ASN B 591 9.83 -7.60 -11.51
C ASN B 591 10.49 -8.97 -11.45
N MET B 592 10.42 -9.71 -12.55
CA MET B 592 10.86 -11.11 -12.52
C MET B 592 12.27 -11.30 -13.06
N ASP B 593 12.79 -10.29 -13.75
CA ASP B 593 14.13 -10.37 -14.29
C ASP B 593 15.14 -9.67 -13.38
N GLN B 594 15.09 -9.99 -12.10
CA GLN B 594 15.99 -9.43 -11.11
C GLN B 594 16.35 -10.48 -10.08
N ILE B 595 17.57 -10.42 -9.56
CA ILE B 595 17.97 -11.28 -8.45
C ILE B 595 17.58 -10.57 -7.17
N TYR B 596 17.16 -11.33 -6.17
CA TYR B 596 16.70 -10.73 -4.93
C TYR B 596 17.42 -11.34 -3.74
N VAL B 597 17.28 -10.72 -2.57
CA VAL B 597 17.71 -11.38 -1.34
C VAL B 597 16.50 -11.47 -0.44
N VAL B 598 16.23 -12.67 0.07
CA VAL B 598 14.97 -12.90 0.75
C VAL B 598 15.17 -13.72 2.01
N TYR B 599 14.32 -13.51 3.01
CA TYR B 599 14.18 -14.53 4.04
C TYR B 599 13.18 -15.56 3.54
N LEU B 600 13.69 -16.73 3.18
CA LEU B 600 12.85 -17.83 2.72
C LEU B 600 11.87 -18.17 3.81
N SER B 601 10.59 -17.83 3.59
CA SER B 601 9.58 -17.89 4.64
C SER B 601 8.67 -19.11 4.49
N LYS B 602 7.92 -19.15 3.39
CA LYS B 602 7.01 -20.27 3.15
C LYS B 602 7.40 -21.00 1.87
N TYR B 603 8.46 -21.79 1.94
CA TYR B 603 8.94 -22.49 0.75
C TYR B 603 9.48 -23.89 1.02
N ILE B 604 9.88 -24.54 -0.06
CA ILE B 604 10.35 -25.92 -0.06
C ILE B 604 11.49 -26.03 -1.05
N PRO B 605 12.45 -26.93 -0.77
CA PRO B 605 13.57 -27.18 -1.67
C PRO B 605 13.27 -28.35 -2.62
N LEU B 606 13.52 -28.16 -3.90
CA LEU B 606 13.27 -29.21 -4.89
C LEU B 606 14.55 -29.92 -5.28
N ALA B 607 15.50 -29.93 -4.35
CA ALA B 607 16.76 -30.65 -4.52
C ALA B 607 17.29 -30.90 -3.12
N GLU B 608 18.36 -31.69 -3.02
CA GLU B 608 18.91 -32.00 -1.72
C GLU B 608 20.25 -31.28 -1.50
N THR B 609 20.89 -30.94 -2.61
CA THR B 609 22.20 -30.30 -2.58
C THR B 609 22.41 -29.36 -3.78
N THR B 610 23.14 -28.28 -3.56
CA THR B 610 23.34 -27.26 -4.57
C THR B 610 24.25 -27.72 -5.71
N LYS B 611 24.72 -26.76 -6.50
CA LYS B 611 25.64 -27.02 -7.61
C LYS B 611 26.40 -25.74 -8.03
N PRO B 612 27.61 -25.91 -8.59
CA PRO B 612 28.53 -24.82 -8.90
C PRO B 612 28.13 -23.98 -10.12
N VAL B 613 28.47 -22.69 -10.08
CA VAL B 613 28.09 -21.78 -11.16
C VAL B 613 29.28 -20.98 -11.72
N PHE B 614 29.65 -19.91 -11.02
CA PHE B 614 30.76 -19.06 -11.45
C PHE B 614 31.80 -18.89 -10.36
N THR B 615 33.04 -19.25 -10.67
CA THR B 615 34.15 -19.06 -9.74
C THR B 615 34.97 -17.84 -10.16
N PHE B 616 35.76 -17.31 -9.23
CA PHE B 616 36.65 -16.21 -9.54
C PHE B 616 37.91 -16.30 -8.67
N GLU B 617 39.05 -16.10 -9.32
CA GLU B 617 40.36 -16.36 -8.74
C GLU B 617 41.23 -15.11 -8.65
N HIS B 618 41.56 -14.72 -7.42
CA HIS B 618 42.35 -13.51 -7.19
C HIS B 618 43.67 -13.79 -6.44
N PRO B 619 44.70 -13.00 -6.73
CA PRO B 619 44.65 -11.92 -7.72
C PRO B 619 44.53 -12.49 -9.13
N ASN B 620 43.49 -12.05 -9.84
CA ASN B 620 43.32 -12.39 -11.24
C ASN B 620 44.51 -11.89 -12.03
N PHE B 621 45.63 -12.60 -11.90
CA PHE B 621 46.92 -12.14 -12.39
C PHE B 621 47.06 -12.14 -13.91
N MET B 622 46.55 -13.18 -14.56
CA MET B 622 46.61 -13.25 -16.01
C MET B 622 45.51 -12.41 -16.65
N ASN B 623 44.80 -11.66 -15.81
CA ASN B 623 43.70 -10.80 -16.27
C ASN B 623 42.68 -11.53 -17.13
N SER B 624 42.29 -12.72 -16.71
CA SER B 624 41.29 -13.50 -17.44
C SER B 624 39.96 -12.76 -17.46
N SER B 625 39.20 -12.95 -18.54
CA SER B 625 37.90 -12.30 -18.70
C SER B 625 36.97 -12.61 -17.54
N ASN B 626 36.19 -11.63 -17.14
CA ASN B 626 35.20 -11.84 -16.09
C ASN B 626 33.85 -12.31 -16.64
N GLU B 627 33.70 -12.20 -17.95
CA GLU B 627 32.55 -12.78 -18.63
C GLU B 627 32.55 -14.28 -18.40
N ARG B 628 31.42 -14.81 -17.94
CA ARG B 628 31.28 -16.24 -17.71
C ARG B 628 30.05 -16.78 -18.42
N SER B 629 29.93 -18.10 -18.49
CA SER B 629 28.79 -18.73 -19.14
C SER B 629 28.66 -20.21 -18.79
N ASP B 630 27.97 -20.51 -17.69
CA ASP B 630 27.84 -21.90 -17.26
C ASP B 630 26.41 -22.44 -17.29
N SER B 631 26.33 -23.75 -17.52
CA SER B 631 25.06 -24.46 -17.58
C SER B 631 25.00 -25.48 -16.45
N ILE B 632 24.01 -25.35 -15.57
CA ILE B 632 23.88 -26.23 -14.41
C ILE B 632 22.75 -27.21 -14.65
N GLU B 633 22.86 -28.41 -14.06
CA GLU B 633 21.87 -29.48 -14.30
C GLU B 633 21.26 -30.00 -13.00
N PHE B 634 19.95 -30.24 -13.01
CA PHE B 634 19.23 -30.65 -11.81
C PHE B 634 18.11 -31.65 -12.13
N VAL B 635 18.00 -32.71 -11.32
CA VAL B 635 16.93 -33.69 -11.48
C VAL B 635 15.89 -33.60 -10.36
N MET B 636 14.61 -33.69 -10.73
CA MET B 636 13.49 -33.47 -9.80
C MET B 636 12.88 -34.77 -9.31
N ASP B 637 12.34 -34.77 -8.10
CA ASP B 637 11.84 -36.00 -7.49
C ASP B 637 10.37 -36.02 -7.04
N ARG B 638 9.56 -35.09 -7.51
CA ARG B 638 8.14 -35.06 -7.13
C ARG B 638 7.31 -34.13 -7.99
N ASN B 639 5.98 -34.24 -7.87
CA ASN B 639 5.06 -33.27 -8.46
C ASN B 639 5.22 -31.93 -7.78
N ALA B 640 5.74 -30.95 -8.50
CA ALA B 640 6.04 -29.66 -7.91
C ALA B 640 5.86 -28.47 -8.87
N ASP B 641 5.98 -27.27 -8.32
CA ASP B 641 5.98 -26.04 -9.08
C ASP B 641 7.30 -25.28 -8.87
N LEU B 642 8.24 -25.44 -9.78
CA LEU B 642 9.52 -24.75 -9.66
C LEU B 642 9.36 -23.27 -9.94
N MET B 643 9.69 -22.45 -8.96
CA MET B 643 9.55 -21.01 -9.09
C MET B 643 10.86 -20.30 -9.45
N GLY B 644 11.98 -20.95 -9.16
CA GLY B 644 13.28 -20.38 -9.46
C GLY B 644 14.43 -21.06 -8.75
N PHE B 645 15.42 -20.28 -8.35
CA PHE B 645 16.61 -20.82 -7.69
C PHE B 645 17.02 -19.96 -6.51
N ALA B 646 17.27 -20.57 -5.35
CA ALA B 646 17.94 -19.86 -4.27
C ALA B 646 19.41 -19.78 -4.65
N GLY B 647 19.98 -18.57 -4.55
CA GLY B 647 21.35 -18.32 -4.93
C GLY B 647 22.29 -18.19 -3.74
N TYR B 648 23.45 -18.82 -3.86
CA TYR B 648 24.41 -18.93 -2.76
C TYR B 648 25.85 -18.63 -3.20
N PHE B 649 26.78 -18.75 -2.25
CA PHE B 649 28.20 -18.53 -2.55
C PHE B 649 29.11 -19.05 -1.45
N ASP B 650 30.34 -19.38 -1.83
CA ASP B 650 31.43 -19.63 -0.88
C ASP B 650 32.64 -18.82 -1.28
N LEU B 651 33.42 -18.38 -0.29
CA LEU B 651 34.67 -17.69 -0.59
C LEU B 651 35.84 -18.13 0.30
N GLN B 652 36.95 -18.49 -0.34
CA GLN B 652 38.17 -18.75 0.39
C GLN B 652 39.01 -17.47 0.49
N LEU B 653 39.20 -17.05 1.74
CA LEU B 653 39.96 -15.85 2.08
C LEU B 653 41.47 -16.10 2.00
N TYR B 654 41.90 -17.22 2.58
CA TYR B 654 43.30 -17.61 2.55
C TYR B 654 43.44 -19.06 2.99
N LYS B 655 43.90 -19.91 2.07
CA LYS B 655 44.12 -21.33 2.36
C LYS B 655 42.98 -21.97 3.14
N THR B 656 43.28 -22.39 4.36
CA THR B 656 42.34 -23.09 5.22
C THR B 656 41.09 -22.26 5.55
N VAL B 657 41.28 -21.14 6.26
CA VAL B 657 40.16 -20.26 6.59
C VAL B 657 39.33 -19.88 5.36
N MET B 658 38.04 -19.67 5.58
CA MET B 658 37.10 -19.33 4.52
C MET B 658 35.70 -19.17 5.10
N LEU B 659 34.79 -18.58 4.32
CA LEU B 659 33.41 -18.44 4.78
C LEU B 659 32.41 -18.58 3.64
N SER B 660 31.23 -19.13 3.93
CA SER B 660 30.27 -19.40 2.88
C SER B 660 28.83 -19.40 3.38
N ILE B 661 27.90 -19.00 2.52
CA ILE B 661 26.49 -18.90 2.85
C ILE B 661 25.72 -20.12 2.34
N GLU B 662 26.41 -20.97 1.57
CA GLU B 662 25.85 -22.20 1.03
C GLU B 662 25.04 -23.00 2.06
N PRO B 663 24.02 -23.75 1.60
CA PRO B 663 23.13 -24.50 2.50
C PRO B 663 23.85 -25.30 3.58
N SER B 664 24.59 -26.34 3.19
CA SER B 664 25.23 -27.22 4.16
C SER B 664 26.46 -26.60 4.82
N THR B 665 27.31 -25.98 4.02
CA THR B 665 28.59 -25.44 4.49
C THR B 665 28.43 -24.02 5.01
N HIS B 666 27.39 -23.77 5.78
CA HIS B 666 27.07 -22.39 6.15
C HIS B 666 27.70 -21.92 7.46
N THR B 667 28.44 -20.82 7.38
CA THR B 667 28.96 -20.15 8.56
C THR B 667 27.84 -19.90 9.55
N PRO B 668 27.82 -20.65 10.66
CA PRO B 668 26.72 -20.60 11.62
C PRO B 668 26.63 -19.28 12.37
N GLY B 669 25.44 -18.95 12.86
CA GLY B 669 25.23 -17.74 13.64
C GLY B 669 25.29 -16.45 12.85
N MET B 670 25.56 -16.57 11.55
CA MET B 670 25.70 -15.40 10.69
C MET B 670 24.36 -14.84 10.22
N VAL B 671 24.36 -13.54 9.93
CA VAL B 671 23.21 -12.86 9.36
C VAL B 671 23.74 -11.89 8.30
N SER B 672 25.00 -12.11 7.92
CA SER B 672 25.72 -11.23 7.01
C SER B 672 25.15 -11.25 5.59
N TRP B 673 24.50 -12.35 5.24
CA TRP B 673 23.98 -12.49 3.89
C TRP B 673 22.78 -13.44 3.82
N PHE B 674 21.61 -12.88 3.55
CA PHE B 674 20.43 -13.67 3.27
C PHE B 674 20.54 -14.17 1.83
N PRO B 675 19.85 -15.27 1.50
CA PRO B 675 20.03 -15.91 0.20
C PRO B 675 19.46 -15.11 -0.96
N ALA B 676 20.01 -15.36 -2.16
CA ALA B 676 19.49 -14.72 -3.36
C ALA B 676 18.33 -15.54 -3.94
N VAL B 677 17.60 -14.93 -4.86
CA VAL B 677 16.62 -15.65 -5.66
C VAL B 677 16.77 -15.21 -7.10
N ILE B 678 16.94 -16.20 -7.96
CA ILE B 678 16.94 -16.03 -9.39
C ILE B 678 15.62 -16.63 -9.78
N PRO B 679 14.58 -15.80 -9.85
CA PRO B 679 13.23 -16.32 -10.05
C PRO B 679 12.97 -16.50 -11.53
N LEU B 680 11.96 -17.29 -11.84
CA LEU B 680 11.47 -17.41 -13.19
C LEU B 680 10.22 -16.56 -13.36
N ARG B 681 9.92 -16.19 -14.60
CA ARG B 681 8.78 -15.34 -14.88
C ARG B 681 7.45 -16.02 -14.49
N ASP B 682 7.32 -17.30 -14.83
CA ASP B 682 6.16 -18.08 -14.40
C ASP B 682 6.65 -19.39 -13.85
N GLN B 683 6.01 -19.85 -12.79
CA GLN B 683 6.35 -21.14 -12.19
C GLN B 683 6.35 -22.30 -13.19
N LEU B 684 7.29 -23.21 -12.99
CA LEU B 684 7.45 -24.35 -13.87
C LEU B 684 6.87 -25.58 -13.21
N ARG B 685 5.96 -26.26 -13.89
CA ARG B 685 5.43 -27.51 -13.37
C ARG B 685 6.48 -28.58 -13.63
N VAL B 686 6.83 -29.32 -12.59
CA VAL B 686 7.78 -30.40 -12.73
C VAL B 686 7.24 -31.65 -12.10
N GLY B 687 7.76 -32.80 -12.52
CA GLY B 687 7.42 -34.08 -11.94
C GLY B 687 8.63 -34.97 -11.81
N GLU B 688 8.45 -36.16 -11.24
CA GLU B 688 9.55 -37.11 -11.03
C GLU B 688 10.35 -37.37 -12.31
N GLY B 689 11.65 -37.11 -12.24
CA GLY B 689 12.57 -37.45 -13.31
C GLY B 689 12.76 -36.38 -14.37
N ASP B 690 12.59 -35.12 -13.99
CA ASP B 690 12.71 -34.03 -14.94
C ASP B 690 14.11 -33.41 -14.91
N ARG B 691 14.69 -33.24 -16.09
CA ARG B 691 16.02 -32.65 -16.24
C ARG B 691 15.93 -31.15 -16.47
N ILE B 692 16.66 -30.39 -15.66
CA ILE B 692 16.60 -28.93 -15.72
C ILE B 692 17.96 -28.27 -15.85
N SER B 693 18.13 -27.48 -16.92
CA SER B 693 19.36 -26.75 -17.16
C SER B 693 19.19 -25.28 -16.82
N LEU B 694 19.74 -24.87 -15.68
CA LEU B 694 19.84 -23.44 -15.39
C LEU B 694 20.97 -22.89 -16.22
N LYS B 695 20.61 -22.12 -17.24
CA LYS B 695 21.60 -21.53 -18.13
C LYS B 695 21.90 -20.08 -17.73
N ILE B 696 23.10 -19.85 -17.19
CA ILE B 696 23.47 -18.51 -16.73
C ILE B 696 24.70 -17.98 -17.44
N ASP B 697 24.55 -16.85 -18.12
CA ASP B 697 25.70 -16.15 -18.64
C ASP B 697 25.91 -14.90 -17.80
N ARG B 698 27.14 -14.72 -17.31
CA ARG B 698 27.49 -13.51 -16.58
C ARG B 698 28.21 -12.58 -17.54
N LYS B 699 27.46 -11.69 -18.17
CA LYS B 699 28.01 -10.79 -19.18
C LYS B 699 28.55 -9.52 -18.55
N VAL B 700 29.53 -8.91 -19.21
CA VAL B 700 30.05 -7.63 -18.76
C VAL B 700 30.15 -6.61 -19.89
N ASP B 701 30.01 -5.34 -19.51
CA ASP B 701 29.82 -4.22 -20.42
C ASP B 701 30.91 -3.18 -20.16
N ASN B 702 30.98 -2.15 -21.01
CA ASN B 702 31.93 -1.07 -20.80
C ASN B 702 31.71 -0.32 -19.49
N THR B 703 30.48 -0.36 -18.98
CA THR B 703 30.10 0.47 -17.84
C THR B 703 29.44 -0.28 -16.68
N GLY B 704 29.00 -1.52 -16.92
CA GLY B 704 28.36 -2.31 -15.87
C GLY B 704 28.51 -3.81 -16.07
N VAL B 705 27.72 -4.58 -15.34
CA VAL B 705 27.74 -6.05 -15.44
C VAL B 705 26.34 -6.61 -15.26
N TRP B 706 25.97 -7.61 -16.05
CA TRP B 706 24.67 -8.25 -15.83
C TRP B 706 24.60 -9.77 -15.97
N TYR B 707 23.43 -10.31 -15.62
CA TYR B 707 23.12 -11.72 -15.76
C TYR B 707 22.09 -11.93 -16.86
N GLU B 708 22.30 -12.95 -17.68
CA GLU B 708 21.25 -13.43 -18.56
C GLU B 708 21.06 -14.90 -18.25
N TRP B 709 19.94 -15.23 -17.60
CA TRP B 709 19.68 -16.60 -17.20
C TRP B 709 18.37 -17.14 -17.77
N HIS B 710 18.21 -18.46 -17.74
CA HIS B 710 16.93 -19.09 -18.01
C HIS B 710 16.97 -20.57 -17.66
N VAL B 711 15.96 -21.32 -18.06
CA VAL B 711 15.91 -22.74 -17.74
C VAL B 711 15.47 -23.61 -18.92
N GLU B 712 16.12 -24.75 -19.09
CA GLU B 712 15.69 -25.74 -20.06
C GLU B 712 15.08 -26.94 -19.35
N LYS B 713 13.96 -27.43 -19.84
CA LYS B 713 13.37 -28.64 -19.29
C LYS B 713 13.39 -29.76 -20.32
N LYS B 714 13.83 -30.93 -19.88
CA LYS B 714 13.85 -32.13 -20.71
C LYS B 714 13.33 -33.31 -19.90
N LYS B 715 12.27 -33.94 -20.39
CA LYS B 715 11.58 -34.99 -19.64
C LYS B 715 12.23 -36.35 -19.83
N THR B 716 11.69 -37.35 -19.14
CA THR B 716 12.20 -38.72 -19.22
C THR B 716 12.30 -39.18 -20.67
N ASN B 717 11.45 -38.59 -21.51
CA ASN B 717 11.32 -39.00 -22.91
C ASN B 717 12.32 -38.32 -23.84
N GLY B 718 12.89 -37.21 -23.40
CA GLY B 718 13.91 -36.51 -24.18
C GLY B 718 13.41 -35.21 -24.79
N GLU B 719 12.15 -34.87 -24.54
CA GLU B 719 11.58 -33.63 -25.03
C GLU B 719 12.26 -32.42 -24.40
N SER B 720 12.65 -31.45 -25.22
CA SER B 720 13.37 -30.28 -24.73
C SER B 720 12.66 -28.95 -25.00
N VAL B 721 12.12 -28.34 -23.94
CA VAL B 721 11.59 -26.99 -24.01
C VAL B 721 12.51 -26.05 -23.25
N SER B 722 12.32 -24.74 -23.43
CA SER B 722 13.14 -23.77 -22.73
C SER B 722 12.37 -22.49 -22.40
N THR B 723 12.48 -22.04 -21.15
CA THR B 723 11.92 -20.75 -20.76
C THR B 723 12.62 -19.67 -21.57
N PRO B 724 12.07 -18.44 -21.54
CA PRO B 724 12.67 -17.37 -22.33
C PRO B 724 13.86 -16.74 -21.61
N ILE B 725 14.77 -16.15 -22.39
CA ILE B 725 15.93 -15.48 -21.84
C ILE B 725 15.51 -14.31 -20.98
N GLN B 726 15.77 -14.42 -19.68
CA GLN B 726 15.42 -13.36 -18.75
C GLN B 726 16.54 -12.32 -18.66
N ASN B 727 16.15 -11.06 -18.52
CA ASN B 727 17.10 -9.98 -18.27
C ASN B 727 18.04 -9.70 -19.43
N PRO B 728 17.53 -9.73 -20.67
CA PRO B 728 18.41 -9.56 -21.84
C PRO B 728 19.08 -8.19 -21.86
N ASN B 729 20.41 -8.20 -21.82
CA ASN B 729 21.22 -6.98 -21.85
C ASN B 729 21.05 -6.14 -20.59
N GLY B 730 20.81 -6.82 -19.46
CA GLY B 730 20.72 -6.19 -18.17
C GLY B 730 19.63 -5.15 -18.05
N GLU B 731 18.62 -5.24 -18.92
CA GLU B 731 17.57 -4.24 -18.99
C GLU B 731 16.82 -4.06 -17.66
N SER B 732 16.64 -5.14 -16.91
CA SER B 732 15.95 -5.09 -15.63
C SER B 732 16.92 -5.17 -14.46
N TYR B 733 18.20 -5.40 -14.77
CA TYR B 733 19.21 -5.69 -13.76
C TYR B 733 20.60 -5.46 -14.33
N TYR B 734 21.30 -4.47 -13.77
CA TYR B 734 22.55 -3.98 -14.32
C TYR B 734 23.28 -3.25 -13.21
N MET B 735 24.20 -3.95 -12.56
CA MET B 735 25.04 -3.34 -11.52
C MET B 735 26.09 -2.44 -12.17
N ARG B 736 25.88 -1.13 -12.04
CA ARG B 736 26.72 -0.16 -12.73
C ARG B 736 28.10 -0.01 -12.07
N MET B 737 29.11 0.29 -12.89
CA MET B 737 30.46 0.49 -12.40
C MET B 737 31.03 1.80 -12.91
#